data_5FBK
#
_entry.id   5FBK
#
_cell.length_a   170.872
_cell.length_b   82.916
_cell.length_c   94.256
_cell.angle_alpha   90.000
_cell.angle_beta   105.100
_cell.angle_gamma   90.000
#
_symmetry.space_group_name_H-M   'C 1 2 1'
#
loop_
_entity.id
_entity.type
_entity.pdbx_description
1 polymer 'Extracellular calcium-sensing receptor'
2 non-polymer CYCLOMETHYLTRYPTOPHAN
3 non-polymer 2-acetamido-2-deoxy-beta-D-glucopyranose
4 non-polymer 'CHLORIDE ION'
5 non-polymer 'BICARBONATE ION'
6 non-polymer 'MAGNESIUM ION'
7 water water
#
_entity_poly.entity_id   1
_entity_poly.type   'polypeptide(L)'
_entity_poly.pdbx_seq_one_letter_code
;MRLLTALFAYFIVALILAFSVSAKSMHHHHHHHHSAWSHPQFEKEFYGPDQRAQKKGDIILGGLFPIHFGVAAKDQDLKS
RPESVECIRYNFRGFRWLQAMIFAIEEINSSPALLPNLTLGYRIFDTCNTVSKALEATLSFVAQNKIDSLNLDEFCNCSE
HIPSTIAVVGATGSGVSTAVANLLGLFYIPQVSYASSSRLLSNKNQFKSFLRTIPNDEHQATAMADIIEYFRWNWVGTIA
ADDDYGRPGIEKFREEAEERDI(CSO)IDFSELISQYSDEEEIQHVVEVIQNSTAKVIVVFSSGPDLEPLIKEIVRRNIT
GKIWLASEAWASSSLIAMPQYFHVVGGTIGFALKAGQIPGFREFLKKVHPRKSVHNGFAKEFWEETFNCHLQEGAKGPLP
VDTFLRGHEESGDRFSNSSTAFRPLCTGDENISSVETPYIDYTHLRISYNVYLAVYSIAHALQDIYTCLPGRGLFTNGSC
ADIKKVEAWQVLKHLRHLNFTNNMGEQVTFDE(CSO)GDLVGNYSIINWHLSPEDGSIVFKEVGYYNVYAKKGERLFINE
EKILWSGFSREVPFSN
;
_entity_poly.pdbx_strand_id   A,B
#
# COMPACT_ATOMS: atom_id res chain seq x y z
N PRO A 49 -4.45 -12.46 18.69
CA PRO A 49 -4.26 -13.88 18.45
C PRO A 49 -5.13 -14.78 19.35
N ASP A 50 -5.99 -14.17 20.18
CA ASP A 50 -6.82 -14.91 21.17
C ASP A 50 -7.91 -15.78 20.52
N GLN A 51 -8.92 -15.14 19.96
CA GLN A 51 -9.96 -15.89 19.24
C GLN A 51 -9.50 -16.22 17.81
N ARG A 52 -9.71 -17.48 17.45
CA ARG A 52 -9.11 -18.05 16.27
C ARG A 52 -9.80 -19.35 16.00
N ALA A 53 -9.58 -19.89 14.81
CA ALA A 53 -9.95 -21.26 14.52
C ALA A 53 -8.67 -21.97 14.19
N GLN A 54 -8.40 -23.06 14.90
CA GLN A 54 -7.11 -23.72 14.89
C GLN A 54 -7.24 -25.23 15.03
N LYS A 55 -6.46 -25.95 14.25
CA LYS A 55 -6.37 -27.39 14.35
C LYS A 55 -5.04 -27.89 13.82
N LYS A 56 -4.41 -28.78 14.58
CA LYS A 56 -3.09 -29.30 14.24
C LYS A 56 -3.18 -30.21 13.01
N GLY A 57 -2.04 -30.37 12.34
CA GLY A 57 -1.90 -31.22 11.15
C GLY A 57 -0.44 -31.30 10.77
N ASP A 58 -0.13 -32.03 9.72
CA ASP A 58 1.25 -32.13 9.25
C ASP A 58 1.66 -30.89 8.47
N ILE A 59 0.69 -30.33 7.75
CA ILE A 59 0.91 -29.14 6.93
C ILE A 59 -0.18 -28.15 7.30
N ILE A 60 0.23 -26.95 7.70
CA ILE A 60 -0.68 -25.93 8.22
C ILE A 60 -0.98 -24.84 7.18
N LEU A 61 -2.25 -24.59 6.91
CA LEU A 61 -2.69 -23.44 6.13
C LEU A 61 -3.14 -22.31 7.05
N GLY A 62 -2.57 -21.12 6.84
CA GLY A 62 -3.08 -19.90 7.48
C GLY A 62 -4.36 -19.46 6.80
N GLY A 63 -5.21 -18.76 7.55
CA GLY A 63 -6.43 -18.18 7.01
C GLY A 63 -6.67 -16.78 7.58
N LEU A 64 -7.21 -15.89 6.76
CA LEU A 64 -7.58 -14.54 7.18
C LEU A 64 -8.96 -14.21 6.63
N PHE A 65 -9.88 -13.84 7.52
CA PHE A 65 -11.25 -13.54 7.15
C PHE A 65 -11.77 -12.38 7.98
N PRO A 66 -12.67 -11.58 7.40
CA PRO A 66 -13.31 -10.51 8.13
C PRO A 66 -14.56 -11.01 8.90
N ILE A 67 -14.33 -11.55 10.08
CA ILE A 67 -15.41 -12.02 10.97
C ILE A 67 -16.16 -10.83 11.60
N HIS A 68 -15.45 -9.72 11.78
CA HIS A 68 -16.11 -8.45 12.00
C HIS A 68 -15.89 -7.47 10.88
N PHE A 69 -16.83 -6.56 10.73
CA PHE A 69 -16.80 -5.59 9.62
C PHE A 69 -15.80 -4.47 9.84
N GLY A 70 -15.40 -4.25 11.09
CA GLY A 70 -14.59 -3.13 11.39
C GLY A 70 -14.17 -3.14 12.84
N VAL A 71 -13.66 -1.99 13.25
CA VAL A 71 -13.07 -1.82 14.53
C VAL A 71 -13.74 -0.56 15.17
N ALA A 72 -13.73 -0.52 16.49
CA ALA A 72 -14.28 0.59 17.26
C ALA A 72 -13.32 1.77 17.14
N ALA A 73 -13.72 2.79 16.40
CA ALA A 73 -12.87 3.94 16.17
C ALA A 73 -12.75 4.70 17.47
N LYS A 74 -11.53 4.82 17.99
CA LYS A 74 -11.32 5.45 19.29
C LYS A 74 -9.95 6.10 19.31
N ASP A 75 -9.88 7.38 18.95
CA ASP A 75 -8.59 8.10 18.86
C ASP A 75 -7.85 7.96 20.19
N GLN A 76 -6.61 7.49 20.13
CA GLN A 76 -5.82 7.29 21.33
C GLN A 76 -5.08 8.58 21.65
N ASP A 77 -5.29 9.10 22.85
CA ASP A 77 -4.61 10.31 23.25
C ASP A 77 -3.19 10.02 23.78
N LEU A 78 -2.86 8.74 23.96
CA LEU A 78 -1.57 8.28 24.43
C LEU A 78 -1.13 8.89 25.76
N LYS A 79 -2.10 9.09 26.66
CA LYS A 79 -1.84 9.44 28.06
C LYS A 79 -1.44 8.21 28.85
N SER A 80 -1.86 7.04 28.40
CA SER A 80 -1.42 5.77 28.96
C SER A 80 -1.15 4.82 27.79
N ARG A 81 -0.60 3.65 28.09
CA ARG A 81 -0.13 2.73 27.05
C ARG A 81 -1.28 2.34 26.14
N PRO A 82 -1.09 2.39 24.82
CA PRO A 82 -2.23 2.04 23.98
C PRO A 82 -2.68 0.61 24.19
N GLU A 83 -3.99 0.40 24.24
CA GLU A 83 -4.59 -0.93 24.31
C GLU A 83 -4.99 -1.36 22.90
N SER A 84 -5.28 -2.64 22.72
CA SER A 84 -5.69 -3.15 21.41
C SER A 84 -7.10 -2.64 21.05
N VAL A 85 -7.38 -2.51 19.76
CA VAL A 85 -8.67 -2.02 19.30
C VAL A 85 -9.72 -3.15 19.36
N GLU A 86 -10.97 -2.73 19.52
CA GLU A 86 -12.12 -3.61 19.67
C GLU A 86 -12.70 -3.81 18.31
N CYS A 87 -12.90 -5.07 17.92
CA CYS A 87 -13.60 -5.38 16.70
C CYS A 87 -15.09 -5.27 16.95
N ILE A 88 -15.82 -4.77 15.96
CA ILE A 88 -17.25 -4.57 16.12
C ILE A 88 -17.99 -4.98 14.85
N ARG A 89 -19.26 -5.33 15.05
CA ARG A 89 -20.22 -5.65 14.01
C ARG A 89 -19.94 -7.00 13.36
N TYR A 90 -20.64 -8.01 13.84
CA TYR A 90 -20.41 -9.37 13.40
C TYR A 90 -20.73 -9.51 11.91
N ASN A 91 -19.86 -10.19 11.17
CA ASN A 91 -20.03 -10.38 9.73
C ASN A 91 -20.37 -11.83 9.43
N PHE A 92 -21.67 -12.12 9.36
CA PHE A 92 -22.10 -13.51 9.22
C PHE A 92 -21.62 -14.14 7.92
N ARG A 93 -21.60 -13.37 6.85
CA ARG A 93 -21.13 -13.85 5.58
C ARG A 93 -19.66 -14.23 5.65
N GLY A 94 -18.89 -13.42 6.36
CA GLY A 94 -17.46 -13.69 6.53
C GLY A 94 -17.20 -14.96 7.31
N PHE A 95 -18.03 -15.20 8.33
CA PHE A 95 -17.93 -16.43 9.11
C PHE A 95 -18.25 -17.63 8.24
N ARG A 96 -19.22 -17.47 7.33
CA ARG A 96 -19.49 -18.49 6.33
C ARG A 96 -18.29 -18.73 5.44
N TRP A 97 -17.63 -17.66 5.01
CA TRP A 97 -16.39 -17.82 4.22
C TRP A 97 -15.36 -18.63 4.97
N LEU A 98 -15.16 -18.30 6.24
CA LEU A 98 -14.19 -19.02 7.05
C LEU A 98 -14.59 -20.51 7.13
N GLN A 99 -15.89 -20.77 7.22
CA GLN A 99 -16.39 -22.14 7.25
C GLN A 99 -16.06 -22.92 5.98
N ALA A 100 -16.12 -22.24 4.83
CA ALA A 100 -15.81 -22.88 3.56
C ALA A 100 -14.36 -23.36 3.50
N MET A 101 -13.48 -22.67 4.20
CA MET A 101 -12.09 -23.10 4.28
C MET A 101 -11.99 -24.35 5.17
N ILE A 102 -12.60 -24.32 6.35
CA ILE A 102 -12.56 -25.46 7.25
C ILE A 102 -13.21 -26.67 6.58
N PHE A 103 -14.34 -26.45 5.92
CA PHE A 103 -15.02 -27.51 5.18
C PHE A 103 -14.11 -28.15 4.13
N ALA A 104 -13.46 -27.32 3.32
CA ALA A 104 -12.60 -27.83 2.25
C ALA A 104 -11.48 -28.68 2.82
N ILE A 105 -10.93 -28.25 3.96
CA ILE A 105 -9.81 -28.96 4.58
C ILE A 105 -10.25 -30.31 5.17
N GLU A 106 -11.42 -30.34 5.81
CA GLU A 106 -11.96 -31.59 6.35
C GLU A 106 -12.26 -32.57 5.22
N GLU A 107 -12.92 -32.08 4.16
CA GLU A 107 -13.16 -32.85 2.95
C GLU A 107 -11.88 -33.45 2.33
N ILE A 108 -10.83 -32.65 2.27
CA ILE A 108 -9.57 -33.10 1.69
C ILE A 108 -8.96 -34.18 2.57
N ASN A 109 -8.97 -33.94 3.88
CA ASN A 109 -8.47 -34.92 4.84
C ASN A 109 -9.28 -36.22 4.83
N SER A 110 -10.57 -36.12 4.50
CA SER A 110 -11.43 -37.29 4.34
C SER A 110 -11.24 -38.02 3.01
N SER A 111 -10.46 -37.44 2.10
CA SER A 111 -10.25 -38.06 0.80
C SER A 111 -8.99 -38.91 0.86
N PRO A 112 -9.15 -40.21 0.60
CA PRO A 112 -7.97 -41.08 0.61
C PRO A 112 -7.01 -40.75 -0.53
N ALA A 113 -7.58 -40.44 -1.70
CA ALA A 113 -6.83 -40.17 -2.93
C ALA A 113 -5.90 -38.97 -2.79
N LEU A 114 -6.47 -37.85 -2.35
CA LEU A 114 -5.78 -36.58 -2.30
C LEU A 114 -4.94 -36.49 -1.02
N LEU A 115 -3.62 -36.43 -1.20
CA LEU A 115 -2.67 -36.34 -0.07
C LEU A 115 -2.83 -37.46 0.96
N PRO A 116 -2.55 -38.70 0.55
CA PRO A 116 -2.81 -39.87 1.41
C PRO A 116 -1.93 -39.92 2.66
N ASN A 117 -0.64 -39.62 2.52
CA ASN A 117 0.26 -39.69 3.67
C ASN A 117 -0.06 -38.68 4.79
N LEU A 118 -0.71 -37.57 4.44
CA LEU A 118 -0.69 -36.35 5.27
C LEU A 118 -2.05 -35.75 5.64
N THR A 119 -2.07 -35.03 6.76
CA THR A 119 -3.25 -34.23 7.17
C THR A 119 -2.95 -32.74 7.05
N LEU A 120 -3.91 -32.00 6.49
CA LEU A 120 -3.86 -30.55 6.51
C LEU A 120 -4.51 -30.00 7.78
N GLY A 121 -3.78 -29.19 8.52
CA GLY A 121 -4.36 -28.38 9.63
C GLY A 121 -4.54 -26.91 9.24
N TYR A 122 -4.92 -26.10 10.21
CA TYR A 122 -5.16 -24.70 9.94
C TYR A 122 -5.04 -23.78 11.14
N ARG A 123 -4.81 -22.51 10.83
CA ARG A 123 -4.70 -21.44 11.83
C ARG A 123 -5.31 -20.19 11.20
N ILE A 124 -6.50 -19.84 11.65
CA ILE A 124 -7.35 -18.88 10.98
C ILE A 124 -7.73 -17.75 11.91
N PHE A 125 -7.49 -16.52 11.46
CA PHE A 125 -7.66 -15.32 12.27
C PHE A 125 -8.64 -14.36 11.64
N ASP A 126 -9.22 -13.52 12.49
CA ASP A 126 -10.14 -12.44 12.14
C ASP A 126 -9.31 -11.18 11.80
N THR A 127 -9.53 -10.59 10.63
CA THR A 127 -8.86 -9.33 10.27
C THR A 127 -9.63 -8.08 10.73
N CYS A 128 -10.91 -8.24 11.03
CA CYS A 128 -11.83 -7.13 11.24
C CYS A 128 -11.76 -6.12 10.12
N ASN A 129 -11.48 -6.60 8.90
CA ASN A 129 -11.26 -5.73 7.73
C ASN A 129 -10.20 -4.66 7.95
N THR A 130 -9.20 -4.91 8.79
CA THR A 130 -8.21 -3.91 9.13
C THR A 130 -6.80 -4.42 8.91
N VAL A 131 -5.94 -3.53 8.43
CA VAL A 131 -4.54 -3.86 8.22
C VAL A 131 -3.86 -4.33 9.51
N SER A 132 -4.05 -3.62 10.62
CA SER A 132 -3.27 -3.89 11.83
C SER A 132 -3.58 -5.28 12.38
N LYS A 133 -4.85 -5.64 12.44
CA LYS A 133 -5.22 -6.99 12.90
C LYS A 133 -4.70 -8.06 11.94
N ALA A 134 -4.84 -7.83 10.64
CA ALA A 134 -4.30 -8.78 9.65
C ALA A 134 -2.82 -8.99 9.85
N LEU A 135 -2.11 -7.90 10.14
CA LEU A 135 -0.65 -7.97 10.28
C LEU A 135 -0.16 -8.64 11.56
N GLU A 136 -0.86 -8.43 12.66
CA GLU A 136 -0.60 -9.17 13.91
C GLU A 136 -0.70 -10.65 13.61
N ALA A 137 -1.77 -11.03 12.93
CA ALA A 137 -1.96 -12.44 12.54
C ALA A 137 -0.81 -12.93 11.67
N THR A 138 -0.44 -12.12 10.69
CA THR A 138 0.58 -12.52 9.74
C THR A 138 1.95 -12.68 10.41
N LEU A 139 2.25 -11.86 11.41
CA LEU A 139 3.48 -12.03 12.17
C LEU A 139 3.52 -13.40 12.87
N SER A 140 2.37 -13.92 13.30
CA SER A 140 2.31 -15.31 13.79
C SER A 140 2.60 -16.31 12.68
N PHE A 141 2.02 -16.11 11.50
CA PHE A 141 2.28 -17.04 10.39
C PHE A 141 3.75 -17.14 10.03
N VAL A 142 4.51 -16.06 10.16
CA VAL A 142 5.90 -16.08 9.74
C VAL A 142 6.87 -16.21 10.94
N ALA A 143 6.35 -16.50 12.12
CA ALA A 143 7.16 -16.48 13.35
C ALA A 143 8.46 -17.26 13.21
N GLN A 144 8.38 -18.48 12.68
CA GLN A 144 9.57 -19.32 12.47
C GLN A 144 10.56 -18.68 11.49
N ASN A 145 10.08 -18.44 10.27
CA ASN A 145 10.85 -17.80 9.20
C ASN A 145 11.58 -16.54 9.66
N LYS A 146 10.88 -15.71 10.44
CA LYS A 146 11.41 -14.42 10.90
C LYS A 146 12.61 -14.59 11.81
N ILE A 147 12.51 -15.53 12.74
CA ILE A 147 13.62 -15.90 13.63
C ILE A 147 14.87 -16.30 12.80
N ASP A 148 14.67 -17.03 11.71
CA ASP A 148 15.76 -17.44 10.82
C ASP A 148 16.36 -16.25 10.07
N SER A 149 15.52 -15.36 9.56
CA SER A 149 15.98 -14.18 8.81
C SER A 149 16.93 -13.27 9.62
N LEU A 150 16.67 -13.13 10.93
CA LEU A 150 17.43 -12.20 11.79
C LEU A 150 18.51 -12.86 12.66
N ASN A 151 18.63 -14.19 12.60
CA ASN A 151 19.50 -14.96 13.52
C ASN A 151 19.05 -14.79 14.97
N LEU A 152 17.75 -14.60 15.17
CA LEU A 152 17.17 -14.29 16.47
C LEU A 152 17.14 -15.50 17.41
N ASP A 153 17.25 -16.70 16.84
CA ASP A 153 17.25 -17.96 17.61
C ASP A 153 18.43 -18.06 18.58
N GLU A 154 19.55 -17.40 18.24
CA GLU A 154 20.74 -17.42 19.08
C GLU A 154 20.79 -16.29 20.12
N PHE A 155 20.27 -15.11 19.79
CA PHE A 155 20.49 -13.91 20.63
C PHE A 155 19.38 -13.63 21.68
N CYS A 156 18.31 -14.42 21.66
CA CYS A 156 17.25 -14.36 22.68
C CYS A 156 16.73 -15.77 22.92
N ASN A 157 15.95 -15.95 24.00
CA ASN A 157 15.37 -17.27 24.31
C ASN A 157 14.20 -17.58 23.36
N CYS A 158 14.38 -18.59 22.50
CA CYS A 158 13.39 -18.89 21.45
C CYS A 158 13.06 -20.39 21.36
N SER A 159 11.77 -20.71 21.29
CA SER A 159 11.28 -22.09 21.26
C SER A 159 11.72 -22.86 20.00
N GLU A 160 11.65 -24.19 20.08
CA GLU A 160 11.96 -25.06 18.94
C GLU A 160 10.69 -25.72 18.38
N HIS A 161 9.53 -25.37 18.93
CA HIS A 161 8.25 -25.94 18.50
C HIS A 161 7.32 -24.91 17.85
N ILE A 162 7.87 -24.01 17.03
CA ILE A 162 7.06 -23.05 16.27
C ILE A 162 6.66 -23.69 14.93
N PRO A 163 5.36 -24.01 14.75
CA PRO A 163 4.94 -24.73 13.56
C PRO A 163 4.89 -23.81 12.34
N SER A 164 5.29 -24.33 11.19
CA SER A 164 5.43 -23.53 10.01
C SER A 164 4.12 -23.42 9.25
N THR A 165 3.81 -22.21 8.79
CA THR A 165 2.69 -21.98 7.90
C THR A 165 3.21 -22.12 6.48
N ILE A 166 2.57 -22.95 5.68
CA ILE A 166 3.06 -23.25 4.34
C ILE A 166 2.36 -22.45 3.25
N ALA A 167 1.17 -21.93 3.55
CA ALA A 167 0.41 -21.09 2.63
C ALA A 167 -0.69 -20.38 3.40
N VAL A 168 -1.18 -19.26 2.87
CA VAL A 168 -2.21 -18.48 3.54
C VAL A 168 -3.33 -18.22 2.57
N VAL A 169 -4.54 -18.39 3.06
CA VAL A 169 -5.76 -18.09 2.34
C VAL A 169 -6.32 -16.75 2.84
N GLY A 170 -6.41 -15.77 1.94
CA GLY A 170 -6.87 -14.44 2.30
C GLY A 170 -6.00 -13.36 1.67
N ALA A 171 -6.27 -12.10 1.99
CA ALA A 171 -7.39 -11.67 2.81
C ALA A 171 -8.53 -11.20 1.92
N THR A 172 -9.49 -10.45 2.47
CA THR A 172 -10.61 -9.94 1.66
C THR A 172 -10.33 -8.60 0.98
N GLY A 173 -10.21 -7.53 1.77
CA GLY A 173 -9.95 -6.20 1.22
C GLY A 173 -8.56 -6.15 0.57
N SER A 174 -8.46 -5.53 -0.61
CA SER A 174 -7.14 -5.44 -1.29
C SER A 174 -6.11 -4.71 -0.48
N GLY A 175 -6.55 -3.70 0.31
CA GLY A 175 -5.64 -2.94 1.19
C GLY A 175 -5.03 -3.81 2.26
N VAL A 176 -5.82 -4.74 2.76
CA VAL A 176 -5.34 -5.72 3.73
C VAL A 176 -4.43 -6.72 3.03
N SER A 177 -4.84 -7.25 1.88
CA SER A 177 -4.04 -8.26 1.19
C SER A 177 -2.70 -7.73 0.75
N THR A 178 -2.65 -6.46 0.30
CA THR A 178 -1.36 -5.84 -0.07
C THR A 178 -0.38 -5.79 1.10
N ALA A 179 -0.83 -5.36 2.26
CA ALA A 179 0.03 -5.29 3.43
C ALA A 179 0.47 -6.69 3.89
N VAL A 180 -0.45 -7.64 3.91
CA VAL A 180 -0.09 -9.03 4.21
C VAL A 180 0.93 -9.55 3.18
N ALA A 181 0.71 -9.28 1.89
CA ALA A 181 1.59 -9.79 0.85
C ALA A 181 3.01 -9.27 0.92
N ASN A 182 3.18 -8.03 1.38
CA ASN A 182 4.53 -7.50 1.52
C ASN A 182 5.33 -8.37 2.50
N LEU A 183 4.66 -8.85 3.53
CA LEU A 183 5.31 -9.62 4.57
C LEU A 183 5.49 -11.09 4.17
N LEU A 184 4.42 -11.71 3.70
CA LEU A 184 4.50 -13.10 3.26
C LEU A 184 5.47 -13.27 2.10
N GLY A 185 5.48 -12.32 1.18
CA GLY A 185 6.41 -12.34 0.03
C GLY A 185 7.90 -12.34 0.42
N LEU A 186 8.22 -11.73 1.55
CA LEU A 186 9.58 -11.78 2.07
C LEU A 186 10.06 -13.18 2.26
N PHE A 187 9.18 -14.06 2.72
CA PHE A 187 9.54 -15.45 3.01
C PHE A 187 9.05 -16.42 1.96
N TYR A 188 8.61 -15.88 0.83
CA TYR A 188 8.09 -16.68 -0.26
C TYR A 188 7.03 -17.64 0.19
N ILE A 189 6.18 -17.19 1.11
CA ILE A 189 5.03 -17.97 1.53
C ILE A 189 3.86 -17.63 0.61
N PRO A 190 3.29 -18.64 -0.04
CA PRO A 190 2.21 -18.36 -0.99
C PRO A 190 0.97 -17.90 -0.28
N GLN A 191 0.30 -16.95 -0.92
CA GLN A 191 -0.91 -16.34 -0.43
C GLN A 191 -1.92 -16.39 -1.55
N VAL A 192 -3.08 -16.98 -1.29
CA VAL A 192 -4.13 -17.11 -2.29
C VAL A 192 -5.34 -16.39 -1.77
N SER A 193 -5.69 -15.27 -2.39
CA SER A 193 -6.83 -14.51 -1.93
C SER A 193 -8.06 -14.96 -2.65
N TYR A 194 -9.13 -15.01 -1.89
CA TYR A 194 -10.46 -15.38 -2.39
C TYR A 194 -11.28 -14.14 -2.81
N ALA A 195 -10.83 -12.92 -2.47
CA ALA A 195 -11.63 -11.74 -2.78
C ALA A 195 -10.90 -10.43 -3.17
N SER A 196 -9.58 -10.37 -3.03
CA SER A 196 -8.85 -9.13 -3.28
C SER A 196 -8.64 -9.00 -4.78
N SER A 197 -9.34 -8.05 -5.38
CA SER A 197 -9.40 -7.95 -6.82
C SER A 197 -8.58 -6.81 -7.41
N SER A 198 -7.88 -6.05 -6.58
CA SER A 198 -7.11 -4.91 -7.11
C SER A 198 -6.08 -5.31 -8.17
N ARG A 199 -6.01 -4.53 -9.26
CA ARG A 199 -4.99 -4.73 -10.30
C ARG A 199 -3.57 -4.54 -9.77
N LEU A 200 -3.42 -3.82 -8.66
CA LEU A 200 -2.10 -3.60 -8.07
C LEU A 200 -1.44 -4.90 -7.64
N LEU A 201 -2.25 -5.84 -7.16
CA LEU A 201 -1.76 -7.14 -6.72
C LEU A 201 -1.27 -8.04 -7.87
N SER A 202 -1.50 -7.63 -9.12
CA SER A 202 -0.96 -8.35 -10.31
C SER A 202 0.51 -8.11 -10.55
N ASN A 203 1.08 -7.17 -9.83
CA ASN A 203 2.48 -6.85 -9.94
C ASN A 203 3.35 -7.84 -9.16
N LYS A 204 3.99 -8.77 -9.89
CA LYS A 204 4.79 -9.84 -9.26
C LYS A 204 6.17 -9.39 -8.82
N ASN A 205 6.66 -8.25 -9.29
CA ASN A 205 7.87 -7.67 -8.69
C ASN A 205 7.67 -7.27 -7.24
N GLN A 206 6.53 -6.64 -6.96
CA GLN A 206 6.21 -6.27 -5.60
C GLN A 206 5.60 -7.43 -4.79
N PHE A 207 4.74 -8.23 -5.42
CA PHE A 207 4.01 -9.22 -4.68
C PHE A 207 4.35 -10.62 -5.22
N LYS A 208 5.50 -11.10 -4.78
CA LYS A 208 6.10 -12.29 -5.34
C LYS A 208 5.33 -13.56 -5.07
N SER A 209 4.61 -13.61 -3.95
CA SER A 209 3.99 -14.85 -3.52
C SER A 209 2.47 -14.81 -3.54
N PHE A 210 1.89 -13.84 -4.24
CA PHE A 210 0.46 -13.61 -4.22
C PHE A 210 -0.21 -14.19 -5.46
N LEU A 211 -1.34 -14.87 -5.22
CA LEU A 211 -2.21 -15.37 -6.26
C LEU A 211 -3.63 -15.23 -5.79
N ARG A 212 -4.59 -15.47 -6.67
CA ARG A 212 -5.96 -15.30 -6.26
C ARG A 212 -6.94 -16.08 -7.13
N THR A 213 -8.05 -16.44 -6.49
CA THR A 213 -9.13 -17.16 -7.16
C THR A 213 -10.28 -16.25 -7.52
N ILE A 214 -10.06 -14.94 -7.49
CA ILE A 214 -11.02 -13.97 -8.01
C ILE A 214 -10.36 -13.20 -9.12
N PRO A 215 -11.12 -12.82 -10.17
CA PRO A 215 -10.49 -11.99 -11.19
C PRO A 215 -10.12 -10.61 -10.70
N ASN A 216 -9.09 -10.04 -11.28
CA ASN A 216 -8.79 -8.65 -11.04
C ASN A 216 -9.82 -7.75 -11.72
N ASP A 217 -9.86 -6.51 -11.27
CA ASP A 217 -10.93 -5.57 -11.62
C ASP A 217 -10.80 -4.85 -12.98
N GLU A 218 -9.76 -5.15 -13.75
CA GLU A 218 -9.55 -4.46 -15.01
C GLU A 218 -10.78 -4.62 -15.95
N HIS A 219 -11.34 -5.82 -16.04
CA HIS A 219 -12.48 -6.05 -16.93
C HIS A 219 -13.72 -5.44 -16.35
N GLN A 220 -13.86 -5.49 -15.04
CA GLN A 220 -15.05 -4.96 -14.42
C GLN A 220 -15.18 -3.44 -14.61
N ALA A 221 -14.06 -2.73 -14.47
CA ALA A 221 -14.07 -1.29 -14.65
C ALA A 221 -14.36 -0.96 -16.11
N THR A 222 -13.81 -1.76 -17.02
CA THR A 222 -14.07 -1.60 -18.45
C THR A 222 -15.56 -1.79 -18.74
N ALA A 223 -16.16 -2.81 -18.13
CA ALA A 223 -17.56 -3.11 -18.32
C ALA A 223 -18.43 -1.96 -17.92
N MET A 224 -18.06 -1.30 -16.83
CA MET A 224 -18.79 -0.12 -16.40
C MET A 224 -18.76 0.96 -17.49
N ALA A 225 -17.60 1.17 -18.11
CA ALA A 225 -17.53 2.12 -19.23
C ALA A 225 -18.37 1.65 -20.43
N ASP A 226 -18.34 0.35 -20.72
CA ASP A 226 -19.11 -0.23 -21.83
C ASP A 226 -20.62 -0.03 -21.66
N ILE A 227 -21.09 -0.21 -20.42
CA ILE A 227 -22.48 -0.04 -20.14
C ILE A 227 -22.92 1.42 -20.37
N ILE A 228 -22.15 2.35 -19.84
CA ILE A 228 -22.43 3.76 -20.00
C ILE A 228 -22.47 4.13 -21.51
N GLU A 229 -21.48 3.71 -22.27
CA GLU A 229 -21.45 3.93 -23.70
C GLU A 229 -22.67 3.32 -24.41
N TYR A 230 -23.10 2.15 -23.94
CA TYR A 230 -24.28 1.49 -24.48
C TYR A 230 -25.56 2.34 -24.35
N PHE A 231 -25.78 2.89 -23.18
CA PHE A 231 -26.94 3.75 -22.95
C PHE A 231 -26.71 5.19 -23.36
N ARG A 232 -25.55 5.51 -23.95
CA ARG A 232 -25.25 6.86 -24.37
C ARG A 232 -25.28 7.87 -23.20
N TRP A 233 -25.01 7.40 -21.99
CA TRP A 233 -24.90 8.30 -20.86
C TRP A 233 -23.60 9.10 -20.88
N ASN A 234 -23.62 10.25 -20.21
CA ASN A 234 -22.45 11.09 -20.13
C ASN A 234 -22.50 11.98 -18.91
N TRP A 235 -21.43 12.74 -18.65
CA TRP A 235 -21.30 13.53 -17.39
C TRP A 235 -21.75 12.71 -16.18
N VAL A 236 -21.01 11.62 -15.96
CA VAL A 236 -21.28 10.68 -14.85
C VAL A 236 -20.51 11.14 -13.63
N GLY A 237 -20.89 10.65 -12.46
CA GLY A 237 -20.11 10.90 -11.24
C GLY A 237 -19.38 9.63 -10.85
N THR A 238 -18.27 9.78 -10.13
CA THR A 238 -17.56 8.61 -9.57
C THR A 238 -17.29 8.75 -8.06
N ILE A 239 -17.39 7.62 -7.38
CA ILE A 239 -17.10 7.54 -5.95
C ILE A 239 -16.31 6.26 -5.74
N ALA A 240 -15.25 6.37 -4.97
CA ALA A 240 -14.39 5.23 -4.71
C ALA A 240 -14.00 5.18 -3.23
N ALA A 241 -13.93 3.98 -2.69
CA ALA A 241 -13.36 3.76 -1.38
C ALA A 241 -11.90 4.18 -1.46
N ASP A 242 -11.44 4.90 -0.45
CA ASP A 242 -10.08 5.45 -0.46
C ASP A 242 -9.09 4.40 0.00
N ASP A 243 -8.90 3.39 -0.83
CA ASP A 243 -8.03 2.28 -0.51
C ASP A 243 -7.57 1.61 -1.80
N ASP A 244 -6.87 0.49 -1.69
CA ASP A 244 -6.29 -0.17 -2.87
C ASP A 244 -7.29 -0.92 -3.72
N TYR A 245 -8.56 -0.96 -3.30
CA TYR A 245 -9.63 -1.50 -4.14
C TYR A 245 -10.27 -0.37 -4.93
N GLY A 246 -10.77 0.61 -4.21
CA GLY A 246 -11.50 1.69 -4.83
C GLY A 246 -10.69 2.57 -5.77
N ARG A 247 -9.52 3.00 -5.35
CA ARG A 247 -8.76 3.96 -6.19
C ARG A 247 -8.30 3.36 -7.53
N PRO A 248 -7.72 2.17 -7.53
CA PRO A 248 -7.35 1.60 -8.85
C PRO A 248 -8.53 1.15 -9.73
N GLY A 249 -9.64 0.76 -9.14
CA GLY A 249 -10.83 0.42 -9.91
C GLY A 249 -11.36 1.65 -10.65
N ILE A 250 -11.45 2.74 -9.92
CA ILE A 250 -11.93 3.96 -10.50
C ILE A 250 -10.94 4.58 -11.48
N GLU A 251 -9.63 4.40 -11.24
CA GLU A 251 -8.60 4.89 -12.17
C GLU A 251 -8.71 4.20 -13.53
N LYS A 252 -8.96 2.89 -13.51
CA LYS A 252 -9.13 2.10 -14.74
C LYS A 252 -10.42 2.55 -15.41
N PHE A 253 -11.44 2.78 -14.62
CA PHE A 253 -12.68 3.26 -15.16
C PHE A 253 -12.50 4.59 -15.86
N ARG A 254 -11.77 5.50 -15.22
CA ARG A 254 -11.48 6.78 -15.83
C ARG A 254 -10.79 6.62 -17.21
N GLU A 255 -9.79 5.75 -17.29
CA GLU A 255 -9.07 5.53 -18.54
C GLU A 255 -10.00 5.02 -19.66
N GLU A 256 -10.86 4.08 -19.32
CA GLU A 256 -11.77 3.51 -20.28
C GLU A 256 -12.87 4.49 -20.62
N ALA A 257 -13.29 5.30 -19.65
CA ALA A 257 -14.29 6.30 -19.89
C ALA A 257 -13.75 7.34 -20.88
N GLU A 258 -12.51 7.75 -20.70
CA GLU A 258 -11.88 8.74 -21.58
C GLU A 258 -11.83 8.19 -23.00
N GLU A 259 -11.44 6.93 -23.15
CA GLU A 259 -11.41 6.26 -24.45
C GLU A 259 -12.77 6.30 -25.19
N ARG A 260 -13.87 6.36 -24.44
CA ARG A 260 -15.18 6.35 -25.01
C ARG A 260 -15.84 7.73 -24.99
N ASP A 261 -15.04 8.78 -24.77
CA ASP A 261 -15.56 10.15 -24.65
C ASP A 261 -16.69 10.30 -23.63
N ILE A 262 -16.57 9.57 -22.53
CA ILE A 262 -17.45 9.78 -21.38
C ILE A 262 -16.79 10.78 -20.47
N ILE A 264 -16.59 12.98 -16.95
CA ILE A 264 -16.87 12.70 -15.52
C ILE A 264 -17.03 14.02 -14.80
N ASP A 265 -18.17 14.22 -14.14
CA ASP A 265 -18.49 15.49 -13.52
C ASP A 265 -17.89 15.65 -12.11
N PHE A 266 -17.74 14.55 -11.38
CA PHE A 266 -17.06 14.61 -10.08
C PHE A 266 -16.40 13.29 -9.74
N SER A 267 -15.44 13.36 -8.82
CA SER A 267 -14.78 12.18 -8.31
C SER A 267 -14.46 12.36 -6.82
N GLU A 268 -15.09 11.54 -5.99
CA GLU A 268 -14.96 11.69 -4.55
C GLU A 268 -14.52 10.39 -3.93
N LEU A 269 -13.93 10.49 -2.74
CA LEU A 269 -13.46 9.33 -2.02
C LEU A 269 -14.22 9.18 -0.74
N ILE A 270 -14.43 7.94 -0.31
CA ILE A 270 -15.11 7.62 0.95
C ILE A 270 -14.44 6.47 1.68
N SER A 271 -14.77 6.32 2.95
CA SER A 271 -14.44 5.10 3.67
C SER A 271 -15.34 4.86 4.86
N GLN A 272 -15.22 3.66 5.41
CA GLN A 272 -15.91 3.26 6.62
C GLN A 272 -15.70 4.29 7.70
N TYR A 273 -14.50 4.88 7.74
CA TYR A 273 -14.15 5.77 8.84
C TYR A 273 -14.23 7.25 8.51
N SER A 274 -14.84 7.61 7.37
CA SER A 274 -15.08 9.04 7.08
C SER A 274 -15.86 9.69 8.22
N ASP A 275 -15.45 10.87 8.66
CA ASP A 275 -16.23 11.63 9.63
C ASP A 275 -17.41 12.38 8.99
N GLU A 276 -18.23 12.99 9.84
CA GLU A 276 -19.44 13.67 9.39
C GLU A 276 -19.22 14.73 8.31
N GLU A 277 -18.15 15.50 8.46
CA GLU A 277 -17.83 16.56 7.50
C GLU A 277 -17.47 16.00 6.15
N GLU A 278 -16.70 14.92 6.15
CA GLU A 278 -16.25 14.28 4.92
C GLU A 278 -17.44 13.75 4.16
N ILE A 279 -18.33 13.07 4.88
CA ILE A 279 -19.55 12.52 4.29
C ILE A 279 -20.43 13.63 3.76
N GLN A 280 -20.54 14.69 4.54
CA GLN A 280 -21.42 15.80 4.18
C GLN A 280 -20.95 16.45 2.89
N HIS A 281 -19.63 16.60 2.78
CA HIS A 281 -19.03 17.18 1.59
C HIS A 281 -19.38 16.34 0.34
N VAL A 282 -19.28 15.01 0.46
CA VAL A 282 -19.55 14.15 -0.70
C VAL A 282 -21.02 14.22 -1.09
N VAL A 283 -21.91 14.21 -0.08
CA VAL A 283 -23.35 14.35 -0.33
C VAL A 283 -23.69 15.68 -1.01
N GLU A 284 -23.03 16.74 -0.57
CA GLU A 284 -23.21 18.04 -1.24
C GLU A 284 -22.75 18.04 -2.68
N VAL A 285 -21.61 17.40 -2.96
CA VAL A 285 -21.14 17.27 -4.35
C VAL A 285 -22.22 16.55 -5.17
N ILE A 286 -22.77 15.48 -4.63
CA ILE A 286 -23.80 14.73 -5.33
C ILE A 286 -25.04 15.61 -5.54
N GLN A 287 -25.48 16.30 -4.48
CA GLN A 287 -26.63 17.21 -4.57
C GLN A 287 -26.45 18.31 -5.60
N ASN A 288 -25.27 18.90 -5.67
CA ASN A 288 -25.00 20.02 -6.59
C ASN A 288 -24.65 19.61 -8.02
N SER A 289 -24.56 18.32 -8.30
CA SER A 289 -24.20 17.85 -9.65
C SER A 289 -25.46 17.51 -10.46
N THR A 290 -25.41 17.78 -11.76
CA THR A 290 -26.44 17.33 -12.67
C THR A 290 -26.39 15.81 -12.94
N ALA A 291 -25.26 15.17 -12.60
CA ALA A 291 -25.05 13.77 -12.94
C ALA A 291 -26.13 12.88 -12.33
N LYS A 292 -26.64 11.99 -13.15
CA LYS A 292 -27.67 11.04 -12.74
C LYS A 292 -27.03 9.66 -12.52
N VAL A 293 -26.05 9.34 -13.35
CA VAL A 293 -25.36 8.09 -13.25
C VAL A 293 -24.15 8.26 -12.33
N ILE A 294 -24.06 7.44 -11.28
CA ILE A 294 -22.92 7.46 -10.39
C ILE A 294 -22.25 6.08 -10.29
N VAL A 295 -20.98 6.06 -10.68
CA VAL A 295 -20.18 4.85 -10.64
C VAL A 295 -19.47 4.76 -9.30
N VAL A 296 -19.67 3.64 -8.59
CA VAL A 296 -19.19 3.50 -7.22
C VAL A 296 -18.36 2.22 -7.07
N PHE A 297 -17.07 2.41 -6.81
CA PHE A 297 -16.16 1.31 -6.62
C PHE A 297 -15.82 1.27 -5.13
N SER A 298 -16.48 0.36 -4.41
CA SER A 298 -16.34 0.31 -2.96
C SER A 298 -16.86 -1.00 -2.38
N SER A 299 -16.34 -1.38 -1.22
CA SER A 299 -16.98 -2.42 -0.41
C SER A 299 -18.22 -1.84 0.25
N GLY A 300 -19.08 -2.73 0.74
CA GLY A 300 -20.27 -2.34 1.50
C GLY A 300 -19.91 -1.51 2.72
N PRO A 301 -18.95 -1.98 3.53
CA PRO A 301 -18.64 -1.24 4.76
C PRO A 301 -18.13 0.17 4.51
N ASP A 302 -17.35 0.35 3.44
CA ASP A 302 -16.84 1.67 3.12
C ASP A 302 -17.89 2.58 2.49
N LEU A 303 -18.96 2.01 1.93
CA LEU A 303 -20.02 2.77 1.29
C LEU A 303 -21.15 3.14 2.27
N GLU A 304 -21.33 2.32 3.30
CA GLU A 304 -22.50 2.39 4.18
C GLU A 304 -22.77 3.77 4.80
N PRO A 305 -21.75 4.42 5.36
CA PRO A 305 -22.01 5.72 5.96
C PRO A 305 -22.47 6.77 4.92
N LEU A 306 -21.93 6.71 3.71
CA LEU A 306 -22.36 7.62 2.68
C LEU A 306 -23.85 7.37 2.34
N ILE A 307 -24.20 6.10 2.15
CA ILE A 307 -25.54 5.76 1.73
C ILE A 307 -26.57 6.16 2.80
N LYS A 308 -26.22 5.96 4.06
CA LYS A 308 -27.13 6.35 5.14
C LYS A 308 -27.48 7.81 5.03
N GLU A 309 -26.50 8.65 4.78
CA GLU A 309 -26.74 10.08 4.71
C GLU A 309 -27.52 10.44 3.46
N ILE A 310 -27.25 9.76 2.35
CA ILE A 310 -27.99 10.00 1.11
C ILE A 310 -29.48 9.65 1.29
N VAL A 311 -29.74 8.56 1.99
CA VAL A 311 -31.08 8.16 2.32
C VAL A 311 -31.72 9.20 3.26
N ARG A 312 -30.99 9.60 4.30
CA ARG A 312 -31.45 10.62 5.22
C ARG A 312 -31.95 11.86 4.46
N ARG A 313 -31.22 12.27 3.42
CA ARG A 313 -31.60 13.45 2.65
C ARG A 313 -32.49 13.16 1.45
N ASN A 314 -32.90 11.91 1.27
CA ASN A 314 -33.88 11.57 0.26
C ASN A 314 -33.44 11.89 -1.17
N ILE A 315 -32.18 11.60 -1.47
CA ILE A 315 -31.68 11.86 -2.82
C ILE A 315 -32.06 10.71 -3.75
N THR A 316 -33.00 10.99 -4.65
CA THR A 316 -33.63 9.93 -5.42
C THR A 316 -33.32 10.11 -6.87
N GLY A 317 -33.67 9.11 -7.65
CA GLY A 317 -33.52 9.18 -9.08
C GLY A 317 -32.12 8.98 -9.63
N LYS A 318 -31.16 8.59 -8.79
CA LYS A 318 -29.80 8.31 -9.28
C LYS A 318 -29.70 6.90 -9.85
N ILE A 319 -28.93 6.77 -10.91
CA ILE A 319 -28.61 5.46 -11.45
C ILE A 319 -27.24 5.04 -10.92
N TRP A 320 -27.23 4.08 -9.97
CA TRP A 320 -25.99 3.60 -9.35
C TRP A 320 -25.38 2.43 -10.12
N LEU A 321 -24.12 2.55 -10.54
CA LEU A 321 -23.38 1.43 -11.10
C LEU A 321 -22.44 0.89 -10.02
N ALA A 322 -22.65 -0.37 -9.65
CA ALA A 322 -22.08 -0.94 -8.43
C ALA A 322 -20.98 -1.92 -8.72
N SER A 323 -19.81 -1.69 -8.13
CA SER A 323 -18.78 -2.70 -8.21
C SER A 323 -19.21 -3.92 -7.38
N GLU A 324 -18.54 -5.02 -7.65
CA GLU A 324 -18.95 -6.35 -7.24
C GLU A 324 -18.96 -6.49 -5.75
N ALA A 325 -18.10 -5.71 -5.07
CA ALA A 325 -17.99 -5.84 -3.62
C ALA A 325 -19.23 -5.33 -2.92
N TRP A 326 -19.94 -4.35 -3.49
CA TRP A 326 -21.19 -3.89 -2.86
C TRP A 326 -22.46 -4.19 -3.64
N ALA A 327 -22.33 -4.67 -4.88
CA ALA A 327 -23.52 -4.98 -5.70
C ALA A 327 -24.40 -6.07 -5.08
N SER A 328 -23.85 -6.85 -4.14
CA SER A 328 -24.64 -7.86 -3.41
C SER A 328 -24.54 -7.70 -1.91
N SER A 329 -24.17 -6.51 -1.41
CA SER A 329 -23.89 -6.34 0.00
C SER A 329 -25.16 -6.09 0.79
N SER A 330 -25.37 -6.90 1.83
CA SER A 330 -26.53 -6.80 2.71
C SER A 330 -26.53 -5.52 3.54
N LEU A 331 -25.39 -4.86 3.66
CA LEU A 331 -25.33 -3.56 4.33
C LEU A 331 -25.97 -2.45 3.53
N ILE A 332 -26.03 -2.63 2.22
CA ILE A 332 -26.55 -1.59 1.34
C ILE A 332 -27.91 -1.96 0.76
N ALA A 333 -28.10 -3.23 0.43
CA ALA A 333 -29.35 -3.68 -0.17
C ALA A 333 -30.39 -3.90 0.91
N MET A 334 -30.87 -2.80 1.47
CA MET A 334 -31.85 -2.83 2.54
C MET A 334 -33.12 -2.13 2.09
N PRO A 335 -34.28 -2.77 2.35
CA PRO A 335 -35.57 -2.25 1.88
C PRO A 335 -35.78 -0.78 2.18
N GLN A 336 -35.40 -0.32 3.35
CA GLN A 336 -35.62 1.09 3.68
C GLN A 336 -34.69 2.07 2.94
N TYR A 337 -33.74 1.57 2.16
CA TYR A 337 -32.93 2.44 1.31
C TYR A 337 -33.42 2.42 -0.13
N PHE A 338 -34.48 1.66 -0.43
CA PHE A 338 -34.80 1.32 -1.80
C PHE A 338 -35.16 2.53 -2.65
N HIS A 339 -35.70 3.55 -2.01
CA HIS A 339 -36.07 4.78 -2.70
C HIS A 339 -34.86 5.55 -3.21
N VAL A 340 -33.69 5.26 -2.65
CA VAL A 340 -32.42 5.81 -3.15
C VAL A 340 -31.66 4.84 -4.02
N VAL A 341 -31.70 3.58 -3.62
CA VAL A 341 -30.78 2.57 -4.08
C VAL A 341 -31.43 1.60 -5.08
N GLY A 342 -32.75 1.65 -5.18
CA GLY A 342 -33.49 0.83 -6.11
C GLY A 342 -33.05 1.05 -7.55
N GLY A 343 -33.01 -0.04 -8.30
CA GLY A 343 -32.60 0.00 -9.69
C GLY A 343 -31.10 0.01 -9.95
N THR A 344 -30.29 -0.15 -8.90
CA THR A 344 -28.84 -0.24 -9.03
C THR A 344 -28.51 -1.31 -10.03
N ILE A 345 -27.50 -1.06 -10.86
CA ILE A 345 -27.00 -2.03 -11.81
C ILE A 345 -25.57 -2.36 -11.36
N GLY A 346 -25.25 -3.64 -11.24
CA GLY A 346 -23.98 -4.06 -10.67
C GLY A 346 -23.46 -5.38 -11.20
N PHE A 347 -22.33 -5.81 -10.65
CA PHE A 347 -21.64 -7.00 -11.11
C PHE A 347 -21.65 -8.08 -10.06
N ALA A 348 -21.70 -9.32 -10.53
CA ALA A 348 -21.64 -10.48 -9.68
C ALA A 348 -20.80 -11.57 -10.30
N LEU A 349 -20.01 -12.24 -9.47
CA LEU A 349 -19.10 -13.31 -9.91
C LEU A 349 -19.95 -14.53 -10.24
N LYS A 350 -19.37 -15.47 -10.97
CA LYS A 350 -20.06 -16.74 -11.30
C LYS A 350 -20.21 -17.59 -10.03
N ALA A 351 -21.41 -18.11 -9.79
CA ALA A 351 -21.63 -19.03 -8.66
C ALA A 351 -20.96 -20.37 -8.88
N GLY A 352 -20.64 -21.04 -7.79
CA GLY A 352 -20.08 -22.39 -7.83
C GLY A 352 -20.86 -23.25 -6.85
N GLN A 353 -20.69 -24.56 -6.93
CA GLN A 353 -21.39 -25.45 -6.00
C GLN A 353 -20.44 -26.19 -5.09
N ILE A 354 -20.87 -26.38 -3.86
CA ILE A 354 -20.12 -27.15 -2.88
C ILE A 354 -21.10 -28.12 -2.21
N PRO A 355 -21.21 -29.35 -2.75
CA PRO A 355 -22.10 -30.35 -2.14
C PRO A 355 -21.73 -30.63 -0.68
N GLY A 356 -22.73 -30.56 0.19
CA GLY A 356 -22.54 -30.86 1.60
C GLY A 356 -22.20 -29.65 2.46
N PHE A 357 -22.02 -28.49 1.83
CA PHE A 357 -21.51 -27.35 2.58
C PHE A 357 -22.62 -26.81 3.47
N ARG A 358 -23.80 -26.62 2.90
CA ARG A 358 -24.95 -26.16 3.67
C ARG A 358 -25.20 -27.00 4.93
N GLU A 359 -25.11 -28.32 4.81
CA GLU A 359 -25.32 -29.22 5.95
C GLU A 359 -24.20 -29.08 6.98
N PHE A 360 -22.97 -28.93 6.51
CA PHE A 360 -21.83 -28.65 7.38
C PHE A 360 -22.06 -27.36 8.18
N LEU A 361 -22.51 -26.33 7.47
CA LEU A 361 -22.84 -25.04 8.06
C LEU A 361 -23.85 -25.16 9.21
N LYS A 362 -24.88 -25.97 9.02
CA LYS A 362 -25.90 -26.17 10.06
C LYS A 362 -25.41 -26.97 11.28
N LYS A 363 -24.27 -27.66 11.15
CA LYS A 363 -23.68 -28.40 12.27
C LYS A 363 -22.96 -27.54 13.32
N VAL A 364 -22.81 -26.23 13.08
CA VAL A 364 -21.99 -25.42 14.00
C VAL A 364 -22.60 -25.39 15.42
N HIS A 365 -21.74 -25.42 16.43
CA HIS A 365 -22.20 -25.41 17.82
C HIS A 365 -21.14 -24.90 18.78
N PRO A 366 -21.53 -24.01 19.72
CA PRO A 366 -20.54 -23.44 20.63
C PRO A 366 -19.88 -24.46 21.55
N ARG A 367 -20.60 -25.52 21.89
CA ARG A 367 -20.04 -26.60 22.69
C ARG A 367 -19.20 -27.52 21.81
N LYS A 368 -19.82 -28.08 20.77
CA LYS A 368 -19.21 -29.14 19.97
C LYS A 368 -18.01 -28.67 19.11
N SER A 369 -18.08 -27.45 18.58
CA SER A 369 -17.01 -26.93 17.69
C SER A 369 -15.77 -26.52 18.48
N VAL A 370 -15.03 -27.53 18.96
CA VAL A 370 -13.85 -27.32 19.80
C VAL A 370 -12.75 -26.53 19.10
N HIS A 371 -12.62 -26.72 17.79
CA HIS A 371 -11.52 -26.13 17.03
C HIS A 371 -11.80 -24.69 16.58
N ASN A 372 -13.09 -24.32 16.46
CA ASN A 372 -13.47 -23.02 15.98
C ASN A 372 -13.92 -22.07 17.08
N GLY A 373 -12.98 -21.31 17.62
CA GLY A 373 -13.26 -20.29 18.64
C GLY A 373 -14.08 -19.07 18.24
N PHE A 374 -14.54 -19.00 17.00
CA PHE A 374 -15.45 -17.95 16.59
C PHE A 374 -16.91 -18.42 16.75
N ALA A 375 -17.10 -19.71 16.99
CA ALA A 375 -18.45 -20.27 17.07
C ALA A 375 -19.23 -19.70 18.27
N LYS A 376 -18.54 -19.45 19.37
CA LYS A 376 -19.17 -18.84 20.54
C LYS A 376 -19.86 -17.55 20.18
N GLU A 377 -19.07 -16.57 19.72
CA GLU A 377 -19.65 -15.26 19.42
C GLU A 377 -20.67 -15.36 18.30
N PHE A 378 -20.42 -16.24 17.34
CA PHE A 378 -21.41 -16.50 16.29
C PHE A 378 -22.77 -16.81 16.89
N TRP A 379 -22.76 -17.65 17.92
CA TRP A 379 -24.00 -18.13 18.54
C TRP A 379 -24.72 -17.00 19.25
N GLU A 380 -23.96 -16.30 20.06
CA GLU A 380 -24.45 -15.14 20.80
C GLU A 380 -25.03 -14.07 19.89
N GLU A 381 -24.37 -13.81 18.77
CA GLU A 381 -24.86 -12.81 17.85
C GLU A 381 -26.09 -13.28 17.11
N THR A 382 -26.12 -14.56 16.74
CA THR A 382 -27.25 -15.09 15.98
C THR A 382 -28.54 -15.06 16.84
N PHE A 383 -28.43 -15.49 18.09
CA PHE A 383 -29.60 -15.67 18.95
C PHE A 383 -29.80 -14.56 19.97
N ASN A 384 -28.95 -13.54 19.93
CA ASN A 384 -29.06 -12.36 20.81
C ASN A 384 -29.05 -12.78 22.28
N CYS A 385 -28.07 -13.57 22.66
CA CYS A 385 -28.01 -14.16 24.00
C CYS A 385 -26.57 -14.24 24.50
N HIS A 386 -26.40 -14.62 25.77
CA HIS A 386 -25.08 -14.73 26.40
C HIS A 386 -24.80 -16.18 26.79
N LEU A 387 -23.54 -16.57 26.75
CA LEU A 387 -23.12 -17.87 27.25
C LEU A 387 -22.32 -17.64 28.53
N ARG A 419 -29.73 -8.91 27.51
CA ARG A 419 -29.52 -10.16 26.77
C ARG A 419 -29.56 -11.43 27.65
N PRO A 420 -30.61 -12.28 27.48
CA PRO A 420 -30.72 -13.51 28.27
C PRO A 420 -29.63 -14.54 27.99
N LEU A 421 -29.55 -15.57 28.83
CA LEU A 421 -28.61 -16.69 28.62
C LEU A 421 -29.05 -17.59 27.46
N CYS A 422 -28.08 -18.14 26.73
CA CYS A 422 -28.36 -19.09 25.63
C CYS A 422 -28.60 -20.47 26.21
N THR A 423 -29.60 -21.18 25.66
CA THR A 423 -29.89 -22.54 26.11
C THR A 423 -28.79 -23.51 25.66
N GLY A 424 -28.22 -23.26 24.48
CA GLY A 424 -27.30 -24.21 23.82
C GLY A 424 -28.04 -25.20 22.95
N ASP A 425 -29.37 -25.05 22.85
CA ASP A 425 -30.20 -25.98 22.10
C ASP A 425 -30.95 -25.29 20.98
N GLU A 426 -30.68 -24.00 20.77
CA GLU A 426 -31.50 -23.23 19.82
C GLU A 426 -31.17 -23.63 18.38
N ASN A 427 -31.97 -23.14 17.44
CA ASN A 427 -31.94 -23.67 16.08
C ASN A 427 -31.47 -22.65 15.04
N ILE A 428 -30.33 -22.93 14.43
CA ILE A 428 -29.74 -22.06 13.39
C ILE A 428 -30.77 -21.66 12.31
N SER A 429 -31.70 -22.56 11.99
CA SER A 429 -32.68 -22.29 10.94
C SER A 429 -33.82 -21.34 11.33
N SER A 430 -33.93 -20.95 12.60
CA SER A 430 -35.02 -20.06 13.04
C SER A 430 -34.73 -18.57 12.83
N VAL A 431 -33.46 -18.21 12.64
CA VAL A 431 -33.05 -16.80 12.52
C VAL A 431 -32.40 -16.55 11.17
N GLU A 432 -32.93 -15.58 10.42
CA GLU A 432 -32.35 -15.20 9.13
C GLU A 432 -31.16 -14.24 9.27
N THR A 433 -29.98 -14.73 8.91
CA THR A 433 -28.78 -13.92 8.76
C THR A 433 -28.13 -14.36 7.46
N PRO A 434 -27.10 -13.64 6.99
CA PRO A 434 -26.39 -14.12 5.79
C PRO A 434 -25.65 -15.46 5.96
N TYR A 435 -25.52 -15.93 7.19
CA TYR A 435 -24.81 -17.18 7.42
C TYR A 435 -25.36 -18.29 6.54
N ILE A 436 -26.68 -18.45 6.62
CA ILE A 436 -27.38 -19.51 5.89
C ILE A 436 -28.41 -18.99 4.89
N ASP A 437 -28.83 -17.73 5.01
CA ASP A 437 -29.73 -17.15 4.04
C ASP A 437 -28.93 -16.71 2.81
N TYR A 438 -28.64 -17.66 1.94
CA TYR A 438 -28.02 -17.35 0.65
C TYR A 438 -28.57 -18.28 -0.42
N THR A 439 -28.55 -17.81 -1.66
CA THR A 439 -28.89 -18.58 -2.85
C THR A 439 -27.63 -19.18 -3.47
N HIS A 440 -26.69 -18.32 -3.79
CA HIS A 440 -25.49 -18.74 -4.50
C HIS A 440 -24.23 -18.58 -3.65
N LEU A 441 -23.33 -19.53 -3.80
CA LEU A 441 -22.00 -19.43 -3.26
C LEU A 441 -21.07 -18.84 -4.30
N ARG A 442 -20.48 -17.68 -4.01
CA ARG A 442 -19.59 -17.01 -4.95
C ARG A 442 -18.22 -16.80 -4.33
N ILE A 443 -18.10 -15.82 -3.41
CA ILE A 443 -16.86 -15.69 -2.66
C ILE A 443 -16.57 -16.98 -1.88
N SER A 444 -17.60 -17.60 -1.33
CA SER A 444 -17.43 -18.88 -0.60
C SER A 444 -16.81 -19.95 -1.50
N TYR A 445 -17.21 -19.95 -2.76
CA TYR A 445 -16.62 -20.87 -3.70
C TYR A 445 -15.15 -20.55 -3.94
N ASN A 446 -14.82 -19.26 -4.07
CA ASN A 446 -13.41 -18.83 -4.19
C ASN A 446 -12.55 -19.31 -3.03
N VAL A 447 -13.12 -19.29 -1.84
CA VAL A 447 -12.38 -19.75 -0.67
C VAL A 447 -12.06 -21.24 -0.80
N TYR A 448 -13.10 -22.00 -1.16
CA TYR A 448 -13.03 -23.43 -1.43
C TYR A 448 -11.96 -23.75 -2.46
N LEU A 449 -12.00 -23.05 -3.58
CA LEU A 449 -10.98 -23.21 -4.63
C LEU A 449 -9.59 -22.80 -4.20
N ALA A 450 -9.48 -21.79 -3.33
CA ALA A 450 -8.16 -21.39 -2.84
C ALA A 450 -7.51 -22.52 -2.05
N VAL A 451 -8.29 -23.16 -1.19
CA VAL A 451 -7.78 -24.25 -0.39
C VAL A 451 -7.40 -25.44 -1.29
N TYR A 452 -8.27 -25.76 -2.25
CA TYR A 452 -8.00 -26.85 -3.19
C TYR A 452 -6.81 -26.57 -4.11
N SER A 453 -6.60 -25.29 -4.47
CA SER A 453 -5.42 -24.91 -5.24
C SER A 453 -4.16 -25.26 -4.46
N ILE A 454 -4.16 -24.93 -3.18
CA ILE A 454 -3.01 -25.26 -2.35
C ILE A 454 -2.83 -26.78 -2.23
N ALA A 455 -3.94 -27.48 -2.00
CA ALA A 455 -3.93 -28.94 -1.83
C ALA A 455 -3.41 -29.64 -3.09
N HIS A 456 -3.90 -29.22 -4.25
CA HIS A 456 -3.45 -29.77 -5.52
C HIS A 456 -2.00 -29.48 -5.83
N ALA A 457 -1.49 -28.33 -5.37
CA ALA A 457 -0.09 -28.02 -5.59
C ALA A 457 0.76 -28.97 -4.75
N LEU A 458 0.30 -29.21 -3.52
CA LEU A 458 0.91 -30.19 -2.65
C LEU A 458 0.80 -31.61 -3.24
N GLN A 459 -0.32 -31.93 -3.87
CA GLN A 459 -0.48 -33.24 -4.48
C GLN A 459 0.51 -33.41 -5.64
N ASP A 460 0.73 -32.34 -6.41
CA ASP A 460 1.72 -32.36 -7.51
C ASP A 460 3.11 -32.63 -6.97
N ILE A 461 3.38 -32.18 -5.74
CA ILE A 461 4.66 -32.48 -5.12
C ILE A 461 4.69 -33.97 -4.76
N TYR A 462 3.61 -34.46 -4.16
CA TYR A 462 3.49 -35.86 -3.74
C TYR A 462 3.77 -36.80 -4.92
N THR A 463 3.20 -36.51 -6.08
CA THR A 463 3.27 -37.35 -7.26
C THR A 463 4.40 -37.02 -8.23
N CYS A 464 5.29 -36.11 -7.86
CA CYS A 464 6.37 -35.67 -8.76
C CYS A 464 7.33 -36.80 -9.08
N LEU A 465 7.68 -36.95 -10.36
CA LEU A 465 8.65 -37.97 -10.79
C LEU A 465 9.98 -37.34 -11.21
N PRO A 466 11.11 -37.83 -10.64
CA PRO A 466 12.45 -37.32 -10.91
C PRO A 466 12.74 -37.10 -12.41
N GLY A 467 13.36 -35.97 -12.73
CA GLY A 467 13.57 -35.55 -14.11
C GLY A 467 12.40 -34.80 -14.71
N ARG A 468 11.19 -35.11 -14.26
CA ARG A 468 10.00 -34.43 -14.75
C ARG A 468 9.53 -33.28 -13.81
N GLY A 469 10.32 -32.97 -12.77
CA GLY A 469 9.97 -31.97 -11.75
C GLY A 469 10.26 -30.53 -12.15
N LEU A 470 9.88 -29.60 -11.28
CA LEU A 470 9.94 -28.17 -11.63
C LEU A 470 11.23 -27.50 -11.20
N PHE A 471 11.95 -28.12 -10.29
CA PHE A 471 13.12 -27.51 -9.64
C PHE A 471 14.39 -27.82 -10.44
N THR A 472 15.57 -27.52 -9.88
CA THR A 472 16.83 -27.63 -10.63
C THR A 472 17.03 -29.06 -11.17
N ASN A 473 17.43 -29.15 -12.44
CA ASN A 473 17.72 -30.43 -13.09
C ASN A 473 16.50 -31.38 -13.10
N GLY A 474 15.31 -30.81 -13.28
CA GLY A 474 14.08 -31.57 -13.21
C GLY A 474 13.86 -32.28 -11.87
N SER A 475 14.50 -31.79 -10.80
CA SER A 475 14.36 -32.41 -9.47
C SER A 475 12.99 -32.16 -8.88
N CYS A 476 12.67 -32.89 -7.81
CA CYS A 476 11.40 -32.81 -7.11
C CYS A 476 11.62 -32.34 -5.69
N ALA A 477 10.60 -31.76 -5.08
CA ALA A 477 10.62 -31.41 -3.66
C ALA A 477 10.22 -32.64 -2.85
N ASP A 478 10.67 -32.70 -1.60
CA ASP A 478 10.28 -33.75 -0.67
C ASP A 478 9.07 -33.34 0.15
N ILE A 479 7.96 -34.05 -0.01
CA ILE A 479 6.72 -33.68 0.66
C ILE A 479 6.73 -33.88 2.19
N LYS A 480 7.68 -34.66 2.68
CA LYS A 480 7.87 -34.82 4.12
C LYS A 480 8.57 -33.60 4.73
N LYS A 481 9.31 -32.86 3.90
CA LYS A 481 10.01 -31.64 4.32
C LYS A 481 9.72 -30.47 3.37
N VAL A 482 8.44 -30.25 3.06
CA VAL A 482 8.07 -29.20 2.09
C VAL A 482 8.40 -27.82 2.63
N GLU A 483 8.95 -26.98 1.76
CA GLU A 483 9.12 -25.58 2.09
C GLU A 483 8.12 -24.74 1.29
N ALA A 484 7.67 -23.64 1.91
CA ALA A 484 6.66 -22.75 1.35
C ALA A 484 6.99 -22.34 -0.07
N TRP A 485 8.23 -21.96 -0.31
CA TRP A 485 8.63 -21.51 -1.64
C TRP A 485 8.42 -22.56 -2.75
N GLN A 486 8.41 -23.84 -2.36
CA GLN A 486 8.22 -24.92 -3.31
C GLN A 486 6.76 -25.05 -3.62
N VAL A 487 5.93 -24.83 -2.62
CA VAL A 487 4.50 -24.79 -2.82
C VAL A 487 4.18 -23.62 -3.78
N LEU A 488 4.82 -22.48 -3.58
CA LEU A 488 4.62 -21.30 -4.45
C LEU A 488 4.94 -21.68 -5.88
N LYS A 489 6.10 -22.31 -6.05
CA LYS A 489 6.52 -22.75 -7.37
C LYS A 489 5.46 -23.62 -8.05
N HIS A 490 4.94 -24.58 -7.30
CA HIS A 490 3.90 -25.43 -7.82
C HIS A 490 2.59 -24.73 -8.07
N LEU A 491 2.25 -23.75 -7.24
CA LEU A 491 1.03 -22.99 -7.46
C LEU A 491 1.16 -22.19 -8.75
N ARG A 492 2.35 -21.67 -9.02
CA ARG A 492 2.56 -20.88 -10.24
C ARG A 492 2.32 -21.67 -11.51
N HIS A 493 2.53 -22.98 -11.46
CA HIS A 493 2.36 -23.85 -12.62
C HIS A 493 1.16 -24.80 -12.50
N LEU A 494 0.29 -24.53 -11.54
CA LEU A 494 -0.80 -25.41 -11.24
C LEU A 494 -1.85 -25.41 -12.34
N ASN A 495 -2.42 -26.60 -12.60
CA ASN A 495 -3.51 -26.74 -13.54
C ASN A 495 -4.34 -27.93 -13.13
N PHE A 496 -5.50 -27.70 -12.53
CA PHE A 496 -6.38 -28.80 -12.13
C PHE A 496 -7.79 -28.52 -12.54
N THR A 497 -8.61 -29.57 -12.47
CA THR A 497 -9.99 -29.41 -12.87
C THR A 497 -10.81 -29.45 -11.61
N ASN A 498 -11.71 -28.48 -11.49
CA ASN A 498 -12.50 -28.34 -10.27
C ASN A 498 -13.81 -29.11 -10.40
N ASN A 499 -14.50 -29.24 -9.26
CA ASN A 499 -15.78 -29.93 -9.16
C ASN A 499 -16.85 -29.43 -10.12
N MET A 500 -16.71 -28.22 -10.63
CA MET A 500 -17.63 -27.69 -11.63
C MET A 500 -17.20 -28.06 -13.06
N GLY A 501 -16.18 -28.91 -13.20
CA GLY A 501 -15.64 -29.29 -14.52
C GLY A 501 -14.77 -28.25 -15.22
N GLU A 502 -14.36 -27.21 -14.51
CA GLU A 502 -13.53 -26.14 -15.08
C GLU A 502 -12.06 -26.32 -14.71
N GLN A 503 -11.17 -25.99 -15.66
CA GLN A 503 -9.73 -25.96 -15.40
C GLN A 503 -9.38 -24.72 -14.58
N VAL A 504 -8.61 -24.89 -13.51
CA VAL A 504 -8.14 -23.78 -12.72
C VAL A 504 -6.64 -23.66 -12.90
N THR A 505 -6.22 -22.52 -13.45
CA THR A 505 -4.80 -22.16 -13.59
C THR A 505 -4.67 -20.69 -13.32
N PHE A 506 -3.47 -20.27 -12.98
CA PHE A 506 -3.16 -18.89 -12.73
C PHE A 506 -2.22 -18.39 -13.82
N ASP A 507 -2.43 -17.16 -14.29
CA ASP A 507 -1.54 -16.60 -15.32
C ASP A 507 -0.22 -16.16 -14.70
N GLU A 508 0.65 -15.59 -15.52
CA GLU A 508 1.98 -15.14 -15.04
C GLU A 508 1.91 -14.05 -13.94
N GLY A 510 -0.36 -14.25 -11.50
CA GLY A 510 -1.05 -14.89 -10.37
C GLY A 510 -2.57 -14.72 -10.41
N ASP A 511 -3.09 -14.31 -11.55
CA ASP A 511 -4.51 -14.03 -11.70
C ASP A 511 -5.32 -15.17 -12.38
N LEU A 512 -6.59 -15.22 -12.02
CA LEU A 512 -7.58 -16.13 -12.56
C LEU A 512 -8.59 -15.27 -13.35
N VAL A 513 -8.98 -15.75 -14.53
CA VAL A 513 -9.97 -15.08 -15.40
C VAL A 513 -11.38 -15.47 -15.01
N GLY A 514 -12.33 -14.57 -15.16
CA GLY A 514 -13.73 -14.88 -14.87
C GLY A 514 -14.63 -13.93 -15.59
N ASN A 515 -15.85 -14.38 -15.88
CA ASN A 515 -16.88 -13.54 -16.49
C ASN A 515 -17.71 -12.90 -15.38
N TYR A 516 -18.62 -12.01 -15.74
CA TYR A 516 -19.56 -11.46 -14.78
C TYR A 516 -21.00 -11.59 -15.26
N SER A 517 -21.89 -11.75 -14.30
CA SER A 517 -23.31 -11.52 -14.47
C SER A 517 -23.53 -10.05 -14.17
N ILE A 518 -24.53 -9.47 -14.83
CA ILE A 518 -24.94 -8.11 -14.54
C ILE A 518 -26.27 -8.19 -13.89
N ILE A 519 -26.40 -7.58 -12.71
CA ILE A 519 -27.59 -7.69 -11.91
C ILE A 519 -28.21 -6.32 -11.67
N ASN A 520 -29.47 -6.32 -11.28
CA ASN A 520 -30.28 -5.10 -11.15
C ASN A 520 -31.15 -5.25 -9.94
N TRP A 521 -31.22 -4.21 -9.13
CA TRP A 521 -31.84 -4.32 -7.81
C TRP A 521 -33.34 -4.09 -7.93
N HIS A 522 -34.10 -5.18 -7.75
CA HIS A 522 -35.57 -5.15 -7.71
C HIS A 522 -36.07 -5.32 -6.27
N LEU A 523 -37.35 -5.01 -6.07
CA LEU A 523 -38.04 -5.25 -4.79
C LEU A 523 -38.90 -6.49 -4.95
N SER A 524 -38.88 -7.40 -3.97
CA SER A 524 -39.73 -8.59 -4.02
C SER A 524 -41.20 -8.20 -3.75
N PRO A 525 -42.12 -8.61 -4.64
CA PRO A 525 -43.53 -8.34 -4.37
C PRO A 525 -44.07 -9.22 -3.21
N GLU A 526 -43.55 -10.44 -3.10
CA GLU A 526 -43.87 -11.32 -1.96
C GLU A 526 -43.28 -10.76 -0.67
N ASP A 527 -41.97 -10.55 -0.72
CA ASP A 527 -41.12 -10.47 0.46
C ASP A 527 -40.90 -9.06 0.99
N GLY A 528 -40.97 -8.06 0.10
CA GLY A 528 -40.55 -6.71 0.43
C GLY A 528 -39.04 -6.52 0.44
N SER A 529 -38.29 -7.60 0.18
CA SER A 529 -36.83 -7.55 0.24
C SER A 529 -36.26 -7.26 -1.15
N ILE A 530 -34.99 -6.88 -1.16
CA ILE A 530 -34.31 -6.56 -2.41
C ILE A 530 -33.86 -7.84 -3.08
N VAL A 531 -34.12 -7.94 -4.38
CA VAL A 531 -33.73 -9.12 -5.14
C VAL A 531 -32.83 -8.69 -6.28
N PHE A 532 -31.86 -9.56 -6.55
CA PHE A 532 -30.83 -9.28 -7.51
C PHE A 532 -31.17 -9.97 -8.84
N LYS A 533 -31.83 -9.26 -9.73
CA LYS A 533 -32.26 -9.83 -11.01
C LYS A 533 -31.11 -9.78 -12.02
N GLU A 534 -30.81 -10.91 -12.67
CA GLU A 534 -29.83 -10.90 -13.76
C GLU A 534 -30.42 -10.24 -15.01
N VAL A 535 -29.74 -9.24 -15.54
CA VAL A 535 -30.20 -8.52 -16.72
C VAL A 535 -29.18 -8.52 -17.83
N GLY A 536 -28.08 -9.23 -17.62
CA GLY A 536 -27.06 -9.21 -18.64
C GLY A 536 -25.85 -9.97 -18.19
N TYR A 537 -24.82 -9.94 -19.01
CA TYR A 537 -23.57 -10.57 -18.65
C TYR A 537 -22.46 -9.88 -19.37
N TYR A 538 -21.26 -10.14 -18.89
CA TYR A 538 -20.08 -9.59 -19.47
C TYR A 538 -19.12 -10.75 -19.71
N ASN A 539 -18.86 -11.00 -20.98
CA ASN A 539 -18.03 -12.13 -21.40
C ASN A 539 -16.66 -11.62 -21.75
N VAL A 540 -15.71 -11.86 -20.85
CA VAL A 540 -14.35 -11.31 -21.00
C VAL A 540 -13.54 -12.01 -22.08
N TYR A 541 -14.06 -13.09 -22.67
CA TYR A 541 -13.34 -13.78 -23.77
C TYR A 541 -13.63 -13.25 -25.16
N ALA A 542 -14.67 -12.44 -25.29
CA ALA A 542 -15.08 -11.93 -26.61
C ALA A 542 -14.18 -10.76 -26.96
N LYS A 543 -14.22 -10.34 -28.23
CA LYS A 543 -13.37 -9.24 -28.69
C LYS A 543 -13.88 -7.92 -28.10
N LYS A 544 -12.97 -6.95 -27.99
CA LYS A 544 -13.31 -5.61 -27.51
C LYS A 544 -14.63 -5.13 -28.13
N GLY A 545 -15.48 -4.49 -27.34
CA GLY A 545 -16.74 -3.94 -27.84
C GLY A 545 -17.82 -4.97 -28.14
N GLU A 546 -17.54 -6.24 -27.89
CA GLU A 546 -18.52 -7.30 -28.07
C GLU A 546 -18.64 -8.18 -26.82
N ARG A 547 -18.25 -7.62 -25.68
CA ARG A 547 -18.23 -8.37 -24.42
C ARG A 547 -19.47 -8.16 -23.59
N LEU A 548 -20.08 -7.00 -23.74
CA LEU A 548 -21.32 -6.69 -23.06
C LEU A 548 -22.56 -7.26 -23.73
N PHE A 549 -23.40 -7.93 -22.93
CA PHE A 549 -24.77 -8.18 -23.30
C PHE A 549 -25.71 -7.71 -22.21
N ILE A 550 -26.72 -6.91 -22.59
CA ILE A 550 -27.76 -6.47 -21.68
C ILE A 550 -29.13 -6.71 -22.27
N ASN A 551 -30.03 -7.23 -21.45
CA ASN A 551 -31.42 -7.32 -21.80
C ASN A 551 -32.16 -6.12 -21.22
N GLU A 552 -32.26 -5.06 -22.02
CA GLU A 552 -32.91 -3.79 -21.60
C GLU A 552 -34.32 -3.97 -21.06
N GLU A 553 -35.08 -4.90 -21.68
CA GLU A 553 -36.46 -5.21 -21.26
C GLU A 553 -36.57 -5.66 -19.79
N LYS A 554 -35.52 -6.26 -19.25
CA LYS A 554 -35.54 -6.73 -17.86
C LYS A 554 -35.16 -5.68 -16.80
N ILE A 555 -34.70 -4.51 -17.24
CA ILE A 555 -34.25 -3.52 -16.28
C ILE A 555 -35.45 -2.79 -15.75
N LEU A 556 -35.54 -2.65 -14.44
CA LEU A 556 -36.46 -1.74 -13.83
C LEU A 556 -35.69 -0.51 -13.38
N TRP A 557 -36.03 0.63 -13.95
CA TRP A 557 -35.35 1.88 -13.66
C TRP A 557 -35.85 2.40 -12.33
N SER A 558 -34.93 2.89 -11.54
CA SER A 558 -35.19 3.25 -10.15
C SER A 558 -35.77 2.04 -9.39
N GLY A 559 -35.64 0.85 -9.97
CA GLY A 559 -36.05 -0.40 -9.33
C GLY A 559 -37.41 -0.94 -9.69
N PHE A 560 -38.26 -0.12 -10.33
CA PHE A 560 -39.67 -0.44 -10.60
C PHE A 560 -40.24 -0.12 -12.01
N SER A 561 -39.58 0.75 -12.78
CA SER A 561 -40.16 1.30 -14.01
C SER A 561 -39.63 0.64 -15.28
N ARG A 562 -40.54 0.11 -16.09
CA ARG A 562 -40.23 -0.39 -17.44
C ARG A 562 -40.24 0.74 -18.50
N GLU A 563 -40.80 1.89 -18.14
CA GLU A 563 -40.83 3.06 -19.03
C GLU A 563 -39.58 3.92 -18.84
N VAL A 564 -38.88 4.21 -19.95
CA VAL A 564 -37.63 4.99 -19.91
C VAL A 564 -37.66 6.12 -20.94
N PRO A 565 -37.40 7.37 -20.50
CA PRO A 565 -37.35 7.85 -19.12
C PRO A 565 -38.77 8.17 -18.64
N PHE A 566 -38.93 8.60 -17.39
CA PHE A 566 -40.27 8.81 -16.81
C PHE A 566 -40.33 10.03 -15.87
N GLY B 48 19.99 -8.66 12.78
CA GLY B 48 19.42 -8.17 11.48
C GLY B 48 20.37 -8.26 10.30
N PRO B 49 20.22 -7.37 9.29
CA PRO B 49 21.12 -7.29 8.11
C PRO B 49 22.63 -7.07 8.36
N ASP B 50 23.43 -7.59 7.42
CA ASP B 50 24.90 -7.56 7.51
C ASP B 50 25.49 -6.15 7.45
N GLN B 51 25.32 -5.47 6.30
CA GLN B 51 25.84 -4.10 6.09
C GLN B 51 24.95 -3.10 6.81
N ARG B 52 25.50 -2.25 7.66
CA ARG B 52 24.70 -1.38 8.50
C ARG B 52 25.60 -0.32 9.09
N ALA B 53 24.99 0.72 9.65
CA ALA B 53 25.70 1.67 10.46
C ALA B 53 25.09 1.57 11.83
N GLN B 54 25.92 1.31 12.82
CA GLN B 54 25.47 0.94 14.13
C GLN B 54 26.42 1.48 15.20
N LYS B 55 25.82 2.00 16.27
CA LYS B 55 26.57 2.43 17.42
C LYS B 55 25.70 2.35 18.66
N LYS B 56 26.24 1.75 19.72
CA LYS B 56 25.50 1.52 20.94
C LYS B 56 25.24 2.86 21.65
N GLY B 57 24.21 2.85 22.49
CA GLY B 57 23.82 4.05 23.26
C GLY B 57 22.76 3.67 24.29
N ASP B 58 22.35 4.66 25.08
CA ASP B 58 21.27 4.44 26.05
C ASP B 58 19.92 4.40 25.36
N ILE B 59 19.77 5.18 24.30
CA ILE B 59 18.54 5.22 23.50
C ILE B 59 18.90 5.09 22.02
N ILE B 60 18.28 4.13 21.34
CA ILE B 60 18.61 3.81 19.95
C ILE B 60 17.58 4.35 18.94
N LEU B 61 18.06 5.12 17.96
CA LEU B 61 17.28 5.49 16.78
C LEU B 61 17.55 4.55 15.61
N GLY B 62 16.48 3.98 15.05
CA GLY B 62 16.55 3.30 13.78
C GLY B 62 16.67 4.29 12.64
N GLY B 63 17.28 3.86 11.55
CA GLY B 63 17.39 4.66 10.33
C GLY B 63 17.19 3.79 9.10
N LEU B 64 16.56 4.35 8.08
CA LEU B 64 16.35 3.68 6.80
C LEU B 64 16.69 4.65 5.69
N PHE B 65 17.62 4.25 4.81
CA PHE B 65 18.06 5.13 3.70
C PHE B 65 18.33 4.30 2.45
N PRO B 66 18.13 4.88 1.27
CA PRO B 66 18.36 4.18 0.01
C PRO B 66 19.79 4.36 -0.42
N ILE B 67 20.68 3.54 0.14
CA ILE B 67 22.10 3.57 -0.17
C ILE B 67 22.32 3.00 -1.58
N HIS B 68 21.43 2.13 -2.03
CA HIS B 68 21.35 1.78 -3.43
C HIS B 68 20.03 2.16 -4.01
N PHE B 69 20.01 2.38 -5.31
CA PHE B 69 18.80 2.79 -6.02
C PHE B 69 17.80 1.67 -6.25
N GLY B 70 18.24 0.42 -6.16
CA GLY B 70 17.41 -0.69 -6.50
C GLY B 70 18.08 -2.01 -6.21
N VAL B 71 17.50 -3.05 -6.76
CA VAL B 71 17.89 -4.40 -6.48
C VAL B 71 18.16 -5.11 -7.83
N ALA B 72 19.04 -6.12 -7.78
CA ALA B 72 19.49 -6.80 -8.99
C ALA B 72 18.34 -7.59 -9.56
N ALA B 73 18.10 -7.36 -10.84
CA ALA B 73 17.01 -8.00 -11.56
C ALA B 73 17.36 -9.47 -11.86
N LYS B 74 17.31 -10.30 -10.83
CA LYS B 74 17.40 -11.75 -10.98
C LYS B 74 15.96 -12.17 -10.74
N ASP B 75 15.16 -12.14 -11.80
CA ASP B 75 13.78 -12.62 -11.66
C ASP B 75 13.82 -14.08 -11.17
N GLN B 76 13.08 -14.35 -10.10
CA GLN B 76 13.17 -15.64 -9.43
C GLN B 76 12.16 -16.61 -10.03
N ASP B 77 12.68 -17.60 -10.74
CA ASP B 77 11.86 -18.68 -11.26
C ASP B 77 11.63 -19.77 -10.19
N LEU B 78 12.30 -19.65 -9.05
CA LEU B 78 12.15 -20.56 -7.91
C LEU B 78 12.42 -22.02 -8.24
N LYS B 79 13.44 -22.26 -9.06
CA LYS B 79 13.96 -23.61 -9.26
C LYS B 79 14.83 -24.08 -8.12
N SER B 80 15.46 -23.12 -7.43
CA SER B 80 16.25 -23.39 -6.24
C SER B 80 15.81 -22.41 -5.17
N ARG B 81 16.24 -22.62 -3.93
CA ARG B 81 15.78 -21.82 -2.81
C ARG B 81 16.16 -20.36 -3.03
N PRO B 82 15.19 -19.43 -2.91
CA PRO B 82 15.59 -18.04 -3.18
C PRO B 82 16.71 -17.58 -2.24
N GLU B 83 17.72 -16.96 -2.81
CA GLU B 83 18.83 -16.38 -2.05
C GLU B 83 18.51 -14.91 -1.80
N SER B 84 19.23 -14.28 -0.88
CA SER B 84 19.01 -12.87 -0.62
C SER B 84 19.39 -12.08 -1.87
N VAL B 85 18.58 -11.11 -2.17
CA VAL B 85 18.73 -10.37 -3.39
C VAL B 85 19.85 -9.31 -3.25
N GLU B 86 20.49 -8.99 -4.37
CA GLU B 86 21.65 -8.10 -4.38
C GLU B 86 21.14 -6.70 -4.63
N CYS B 87 21.63 -5.74 -3.86
CA CYS B 87 21.35 -4.35 -4.12
C CYS B 87 22.32 -3.83 -5.15
N ILE B 88 21.84 -2.92 -5.98
CA ILE B 88 22.56 -2.48 -7.14
C ILE B 88 22.43 -0.98 -7.33
N ARG B 89 23.48 -0.37 -7.88
CA ARG B 89 23.59 1.03 -8.25
C ARG B 89 23.71 1.96 -7.05
N TYR B 90 24.95 2.31 -6.72
CA TYR B 90 25.21 3.08 -5.51
C TYR B 90 24.53 4.44 -5.59
N ASN B 91 23.89 4.85 -4.49
CA ASN B 91 23.21 6.14 -4.40
C ASN B 91 23.99 7.08 -3.50
N PHE B 92 24.89 7.88 -4.08
CA PHE B 92 25.76 8.74 -3.27
C PHE B 92 24.96 9.76 -2.44
N ARG B 93 23.90 10.29 -3.02
CA ARG B 93 23.08 11.26 -2.34
C ARG B 93 22.42 10.64 -1.12
N GLY B 94 22.00 9.39 -1.26
CA GLY B 94 21.40 8.66 -0.15
C GLY B 94 22.36 8.39 0.97
N PHE B 95 23.60 8.10 0.63
CA PHE B 95 24.65 7.94 1.65
C PHE B 95 24.89 9.25 2.38
N ARG B 96 24.82 10.37 1.67
CA ARG B 96 24.92 11.68 2.28
C ARG B 96 23.75 11.90 3.24
N TRP B 97 22.55 11.49 2.85
CA TRP B 97 21.40 11.56 3.74
C TRP B 97 21.67 10.78 5.01
N LEU B 98 22.21 9.57 4.87
CA LEU B 98 22.48 8.75 6.03
C LEU B 98 23.49 9.46 6.93
N GLN B 99 24.47 10.12 6.31
CA GLN B 99 25.48 10.85 7.06
C GLN B 99 24.89 11.98 7.88
N ALA B 100 23.87 12.64 7.33
CA ALA B 100 23.20 13.73 8.05
C ALA B 100 22.57 13.25 9.34
N MET B 101 22.09 12.00 9.36
CA MET B 101 21.57 11.41 10.58
C MET B 101 22.67 11.13 11.59
N ILE B 102 23.78 10.52 11.14
CA ILE B 102 24.92 10.25 12.03
C ILE B 102 25.51 11.56 12.55
N PHE B 103 25.64 12.56 11.68
CA PHE B 103 26.11 13.86 12.07
C PHE B 103 25.24 14.48 13.18
N ALA B 104 23.92 14.46 12.98
CA ALA B 104 23.00 15.04 13.94
C ALA B 104 23.12 14.35 15.29
N ILE B 105 23.29 13.04 15.28
CA ILE B 105 23.38 12.28 16.53
C ILE B 105 24.70 12.56 17.28
N GLU B 106 25.81 12.67 16.54
CA GLU B 106 27.11 12.98 17.16
C GLU B 106 27.04 14.38 17.75
N GLU B 107 26.53 15.34 16.97
CA GLU B 107 26.33 16.72 17.42
C GLU B 107 25.48 16.82 18.70
N ILE B 108 24.43 16.03 18.76
CA ILE B 108 23.58 16.01 19.94
C ILE B 108 24.33 15.43 21.14
N ASN B 109 24.99 14.30 20.94
CA ASN B 109 25.80 13.69 21.99
C ASN B 109 26.95 14.60 22.47
N SER B 110 27.46 15.45 21.57
CA SER B 110 28.47 16.44 21.91
C SER B 110 27.92 17.66 22.61
N SER B 111 26.60 17.80 22.69
CA SER B 111 26.00 18.97 23.29
C SER B 111 25.75 18.66 24.75
N PRO B 112 26.35 19.46 25.64
CA PRO B 112 26.12 19.22 27.06
C PRO B 112 24.68 19.51 27.46
N ALA B 113 24.12 20.56 26.87
CA ALA B 113 22.75 21.02 27.16
C ALA B 113 21.70 19.96 26.85
N LEU B 114 21.74 19.44 25.63
CA LEU B 114 20.72 18.56 25.11
C LEU B 114 20.97 17.12 25.54
N LEU B 115 20.06 16.55 26.33
CA LEU B 115 20.16 15.18 26.85
C LEU B 115 21.51 14.92 27.57
N PRO B 116 21.74 15.62 28.70
CA PRO B 116 23.02 15.56 29.40
C PRO B 116 23.36 14.18 29.98
N ASN B 117 22.40 13.52 30.60
CA ASN B 117 22.68 12.23 31.21
C ASN B 117 23.08 11.13 30.20
N LEU B 118 22.61 11.26 28.95
CA LEU B 118 22.46 10.12 28.05
C LEU B 118 23.16 10.23 26.69
N THR B 119 23.37 9.07 26.09
CA THR B 119 23.88 8.98 24.72
C THR B 119 22.82 8.38 23.78
N LEU B 120 22.65 9.02 22.63
CA LEU B 120 21.87 8.43 21.54
C LEU B 120 22.77 7.54 20.70
N GLY B 121 22.37 6.29 20.54
CA GLY B 121 22.96 5.43 19.53
C GLY B 121 22.07 5.28 18.30
N TYR B 122 22.47 4.39 17.40
CA TYR B 122 21.72 4.20 16.18
C TYR B 122 21.92 2.83 15.55
N ARG B 123 20.97 2.49 14.70
CA ARG B 123 20.96 1.26 13.95
C ARG B 123 20.32 1.59 12.59
N ILE B 124 21.18 1.73 11.57
CA ILE B 124 20.76 2.28 10.28
C ILE B 124 20.99 1.25 9.17
N PHE B 125 19.95 1.02 8.37
CA PHE B 125 19.96 0.00 7.30
C PHE B 125 19.64 0.60 5.94
N ASP B 126 20.10 -0.11 4.91
CA ASP B 126 19.90 0.22 3.51
C ASP B 126 18.57 -0.39 3.04
N THR B 127 17.67 0.41 2.48
CA THR B 127 16.43 -0.11 1.93
C THR B 127 16.55 -0.55 0.47
N CYS B 128 17.60 -0.10 -0.23
CA CYS B 128 17.73 -0.27 -1.68
C CYS B 128 16.48 0.20 -2.41
N ASN B 129 15.79 1.19 -1.86
CA ASN B 129 14.52 1.67 -2.39
C ASN B 129 13.47 0.60 -2.59
N THR B 130 13.49 -0.45 -1.78
CA THR B 130 12.65 -1.60 -2.02
C THR B 130 11.91 -1.93 -0.74
N VAL B 131 10.64 -2.28 -0.90
CA VAL B 131 9.83 -2.67 0.24
C VAL B 131 10.45 -3.86 0.99
N SER B 132 10.93 -4.87 0.27
CA SER B 132 11.33 -6.13 0.93
C SER B 132 12.54 -5.92 1.86
N LYS B 133 13.54 -5.21 1.38
CA LYS B 133 14.68 -4.88 2.24
C LYS B 133 14.28 -4.00 3.42
N ALA B 134 13.48 -2.98 3.17
CA ALA B 134 13.03 -2.10 4.25
C ALA B 134 12.33 -2.89 5.33
N LEU B 135 11.51 -3.85 4.91
CA LEU B 135 10.76 -4.65 5.87
C LEU B 135 11.62 -5.64 6.68
N GLU B 136 12.63 -6.25 6.07
CA GLU B 136 13.61 -7.06 6.81
C GLU B 136 14.24 -6.22 7.91
N ALA B 137 14.68 -5.03 7.56
CA ALA B 137 15.27 -4.09 8.52
C ALA B 137 14.28 -3.78 9.62
N THR B 138 13.05 -3.50 9.24
CA THR B 138 12.05 -3.13 10.20
C THR B 138 11.70 -4.27 11.18
N LEU B 139 11.71 -5.51 10.69
CA LEU B 139 11.51 -6.66 11.59
C LEU B 139 12.60 -6.70 12.68
N SER B 140 13.81 -6.30 12.34
CA SER B 140 14.86 -6.20 13.34
C SER B 140 14.58 -5.03 14.33
N PHE B 141 14.07 -3.89 13.87
CA PHE B 141 13.71 -2.80 14.79
C PHE B 141 12.66 -3.22 15.81
N VAL B 142 11.73 -4.09 15.43
CA VAL B 142 10.65 -4.44 16.33
C VAL B 142 10.87 -5.80 17.00
N ALA B 143 12.08 -6.36 16.88
CA ALA B 143 12.35 -7.71 17.35
C ALA B 143 11.91 -7.95 18.80
N GLN B 144 12.24 -7.02 19.69
CA GLN B 144 11.85 -7.10 21.10
C GLN B 144 10.31 -7.07 21.26
N ASN B 145 9.71 -5.97 20.79
CA ASN B 145 8.25 -5.76 20.82
C ASN B 145 7.46 -6.96 20.31
N LYS B 146 7.93 -7.55 19.20
CA LYS B 146 7.26 -8.68 18.53
C LYS B 146 7.23 -9.92 19.43
N ILE B 147 8.37 -10.22 20.06
CA ILE B 147 8.46 -11.31 21.04
C ILE B 147 7.35 -11.18 22.10
N ASP B 148 6.99 -9.94 22.44
CA ASP B 148 5.78 -9.67 23.24
C ASP B 148 4.51 -9.94 22.44
N SER B 164 16.66 -2.46 21.57
CA SER B 164 15.35 -1.78 21.60
C SER B 164 15.30 -0.43 20.88
N THR B 165 14.49 -0.34 19.82
CA THR B 165 14.43 0.85 18.95
C THR B 165 13.31 1.74 19.40
N ILE B 166 13.62 2.99 19.65
CA ILE B 166 12.65 3.93 20.23
C ILE B 166 11.97 4.83 19.19
N ALA B 167 12.60 4.99 18.04
CA ALA B 167 12.05 5.78 16.95
C ALA B 167 12.84 5.44 15.68
N VAL B 168 12.22 5.67 14.52
CA VAL B 168 12.83 5.36 13.23
C VAL B 168 12.78 6.58 12.35
N VAL B 169 13.91 6.88 11.72
CA VAL B 169 14.03 7.94 10.75
C VAL B 169 14.00 7.29 9.37
N GLY B 170 12.99 7.64 8.57
CA GLY B 170 12.82 7.06 7.23
C GLY B 170 11.38 6.70 6.94
N ALA B 171 11.11 6.10 5.77
CA ALA B 171 12.07 5.85 4.70
C ALA B 171 11.94 6.96 3.63
N THR B 172 12.43 6.72 2.42
CA THR B 172 12.36 7.71 1.35
C THR B 172 11.10 7.61 0.48
N GLY B 173 10.98 6.55 -0.32
CA GLY B 173 9.82 6.37 -1.16
C GLY B 173 8.54 6.12 -0.35
N SER B 174 7.42 6.73 -0.76
CA SER B 174 6.16 6.60 0.00
C SER B 174 5.68 5.18 0.09
N GLY B 175 5.92 4.37 -0.95
CA GLY B 175 5.56 2.96 -0.89
C GLY B 175 6.36 2.18 0.14
N VAL B 176 7.66 2.48 0.27
CA VAL B 176 8.51 1.89 1.31
C VAL B 176 8.06 2.37 2.70
N SER B 177 7.83 3.66 2.86
CA SER B 177 7.41 4.19 4.18
C SER B 177 6.07 3.63 4.63
N THR B 178 5.14 3.45 3.69
CA THR B 178 3.87 2.85 3.98
C THR B 178 4.00 1.46 4.58
N ALA B 179 4.77 0.61 3.94
CA ALA B 179 4.94 -0.76 4.41
C ALA B 179 5.65 -0.76 5.74
N VAL B 180 6.66 0.09 5.89
CA VAL B 180 7.32 0.24 7.19
C VAL B 180 6.31 0.72 8.26
N ALA B 181 5.49 1.70 7.92
CA ALA B 181 4.53 2.27 8.87
C ALA B 181 3.47 1.29 9.36
N ASN B 182 3.04 0.39 8.47
CA ASN B 182 2.06 -0.62 8.85
C ASN B 182 2.61 -1.50 9.97
N LEU B 183 3.91 -1.75 9.94
CA LEU B 183 4.58 -2.57 10.95
C LEU B 183 4.93 -1.79 12.24
N LEU B 184 5.57 -0.64 12.09
CA LEU B 184 5.92 0.17 13.25
C LEU B 184 4.71 0.64 14.03
N GLY B 185 3.64 0.99 13.31
CA GLY B 185 2.42 1.45 13.92
C GLY B 185 1.76 0.43 14.82
N LEU B 186 1.99 -0.84 14.54
CA LEU B 186 1.53 -1.90 15.42
C LEU B 186 2.04 -1.77 16.84
N PHE B 187 3.29 -1.30 16.98
CA PHE B 187 3.93 -1.19 18.29
C PHE B 187 4.03 0.24 18.78
N TYR B 188 3.34 1.14 18.07
CA TYR B 188 3.41 2.56 18.37
C TYR B 188 4.80 3.10 18.45
N ILE B 189 5.66 2.59 17.57
CA ILE B 189 7.00 3.14 17.44
C ILE B 189 6.94 4.32 16.47
N PRO B 190 7.38 5.50 16.93
CA PRO B 190 7.31 6.66 16.04
C PRO B 190 8.24 6.53 14.88
N GLN B 191 7.78 7.02 13.74
CA GLN B 191 8.52 7.01 12.50
C GLN B 191 8.45 8.41 11.94
N VAL B 192 9.60 8.99 11.66
CA VAL B 192 9.70 10.34 11.12
C VAL B 192 10.35 10.25 9.76
N SER B 193 9.58 10.44 8.69
CA SER B 193 10.16 10.37 7.36
C SER B 193 10.67 11.72 6.92
N TYR B 194 11.83 11.68 6.29
CA TYR B 194 12.51 12.85 5.77
C TYR B 194 12.12 13.12 4.30
N ALA B 195 11.44 12.19 3.64
CA ALA B 195 11.14 12.35 2.22
C ALA B 195 9.82 11.81 1.66
N SER B 196 9.09 10.99 2.41
CA SER B 196 7.86 10.38 1.89
C SER B 196 6.74 11.39 1.95
N SER B 197 6.29 11.81 0.78
CA SER B 197 5.37 12.92 0.68
C SER B 197 3.96 12.57 0.28
N SER B 198 3.64 11.29 0.10
CA SER B 198 2.30 10.91 -0.30
C SER B 198 1.21 11.38 0.69
N ARG B 199 0.10 11.90 0.16
CA ARG B 199 -1.06 12.27 0.99
C ARG B 199 -1.62 11.09 1.75
N LEU B 200 -1.37 9.89 1.26
CA LEU B 200 -1.92 8.68 1.88
C LEU B 200 -1.40 8.46 3.27
N LEU B 201 -0.15 8.87 3.50
CA LEU B 201 0.46 8.80 4.85
C LEU B 201 -0.07 9.80 5.90
N SER B 202 -0.89 10.77 5.48
CA SER B 202 -1.54 11.71 6.41
C SER B 202 -2.71 11.10 7.19
N ASN B 203 -3.13 9.91 6.80
CA ASN B 203 -4.24 9.21 7.44
C ASN B 203 -3.78 8.56 8.76
N LYS B 204 -4.11 9.18 9.88
CA LYS B 204 -3.67 8.70 11.20
C LYS B 204 -4.49 7.51 11.74
N ASN B 205 -5.64 7.22 11.16
CA ASN B 205 -6.30 5.95 11.42
C ASN B 205 -5.49 4.76 10.95
N GLN B 206 -4.94 4.83 9.74
CA GLN B 206 -4.11 3.75 9.24
C GLN B 206 -2.67 3.83 9.75
N PHE B 207 -2.11 5.03 9.82
CA PHE B 207 -0.70 5.20 10.11
C PHE B 207 -0.55 5.97 11.43
N LYS B 208 -0.72 5.21 12.51
CA LYS B 208 -0.84 5.76 13.85
C LYS B 208 0.44 6.34 14.39
N SER B 209 1.60 5.88 13.91
CA SER B 209 2.86 6.37 14.47
C SER B 209 3.75 7.16 13.49
N PHE B 210 3.17 7.61 12.40
CA PHE B 210 3.93 8.23 11.31
C PHE B 210 3.89 9.74 11.34
N LEU B 211 5.06 10.35 11.21
CA LEU B 211 5.21 11.77 11.07
C LEU B 211 6.24 12.03 10.01
N ARG B 212 6.37 13.26 9.57
CA ARG B 212 7.36 13.58 8.57
C ARG B 212 7.79 15.03 8.60
N THR B 213 9.03 15.25 8.18
CA THR B 213 9.59 16.59 8.11
C THR B 213 9.57 17.13 6.69
N ILE B 214 8.81 16.48 5.80
CA ILE B 214 8.62 16.97 4.43
C ILE B 214 7.13 17.21 4.26
N PRO B 215 6.75 18.23 3.47
CA PRO B 215 5.31 18.46 3.30
C PRO B 215 4.65 17.44 2.36
N ASN B 216 3.34 17.40 2.51
CA ASN B 216 2.41 16.56 1.80
C ASN B 216 2.16 17.02 0.35
N ASP B 217 2.08 16.07 -0.60
CA ASP B 217 2.05 16.43 -2.00
C ASP B 217 0.74 17.06 -2.49
N GLU B 218 -0.30 17.11 -1.67
CA GLU B 218 -1.47 17.87 -2.03
C GLU B 218 -1.10 19.29 -2.50
N HIS B 219 -0.15 19.90 -1.82
CA HIS B 219 0.25 21.26 -2.08
C HIS B 219 1.12 21.38 -3.33
N GLN B 220 2.02 20.45 -3.50
CA GLN B 220 2.86 20.43 -4.69
C GLN B 220 2.03 20.22 -5.95
N ALA B 221 1.04 19.34 -5.90
CA ALA B 221 0.23 19.11 -7.06
C ALA B 221 -0.58 20.36 -7.41
N THR B 222 -1.09 21.04 -6.39
CA THR B 222 -1.82 22.28 -6.60
C THR B 222 -0.90 23.34 -7.22
N ALA B 223 0.31 23.44 -6.69
CA ALA B 223 1.29 24.37 -7.23
C ALA B 223 1.58 24.14 -8.71
N MET B 224 1.67 22.87 -9.11
CA MET B 224 1.84 22.55 -10.54
C MET B 224 0.69 23.11 -11.39
N ALA B 225 -0.54 22.94 -10.93
CA ALA B 225 -1.68 23.53 -11.65
C ALA B 225 -1.60 25.06 -11.67
N ASP B 226 -1.17 25.65 -10.54
CA ASP B 226 -1.01 27.11 -10.45
C ASP B 226 0.03 27.64 -11.46
N ILE B 227 1.18 26.96 -11.60
CA ILE B 227 2.21 27.36 -12.57
C ILE B 227 1.70 27.35 -14.00
N ILE B 228 1.02 26.28 -14.38
CA ILE B 228 0.43 26.19 -15.71
C ILE B 228 -0.55 27.36 -15.92
N GLU B 229 -1.46 27.59 -14.98
CA GLU B 229 -2.37 28.71 -15.06
C GLU B 229 -1.65 30.08 -15.11
N TYR B 230 -0.55 30.21 -14.40
CA TYR B 230 0.28 31.42 -14.39
C TYR B 230 0.80 31.80 -15.77
N PHE B 231 1.29 30.81 -16.49
CA PHE B 231 1.76 31.04 -17.84
C PHE B 231 0.64 31.05 -18.87
N ARG B 232 -0.61 30.97 -18.41
CA ARG B 232 -1.78 30.96 -19.29
C ARG B 232 -1.71 29.78 -20.22
N TRP B 233 -1.05 28.71 -19.83
CA TRP B 233 -1.09 27.50 -20.64
C TRP B 233 -2.43 26.84 -20.43
N ASN B 234 -2.86 26.01 -21.37
CA ASN B 234 -4.14 25.34 -21.22
C ASN B 234 -4.12 23.92 -21.74
N TRP B 235 -2.95 23.40 -22.06
CA TRP B 235 -2.86 22.16 -22.77
C TRP B 235 -1.64 21.43 -22.29
N VAL B 236 -1.83 20.32 -21.57
CA VAL B 236 -0.71 19.51 -21.12
C VAL B 236 -0.88 18.01 -21.20
N GLY B 237 0.24 17.31 -21.06
CA GLY B 237 0.26 15.85 -20.85
C GLY B 237 0.69 15.54 -19.42
N THR B 238 0.35 14.35 -18.92
CA THR B 238 0.81 13.89 -17.60
C THR B 238 1.43 12.50 -17.65
N ILE B 239 2.45 12.33 -16.83
CA ILE B 239 3.10 11.03 -16.62
C ILE B 239 3.36 10.88 -15.13
N ALA B 240 3.08 9.69 -14.61
CA ALA B 240 3.26 9.43 -13.17
C ALA B 240 3.86 8.06 -12.98
N ALA B 241 4.68 7.94 -11.94
CA ALA B 241 5.16 6.67 -11.47
C ALA B 241 3.98 5.89 -10.93
N ASP B 242 3.94 4.62 -11.29
CA ASP B 242 2.85 3.77 -10.89
C ASP B 242 3.08 3.26 -9.47
N ASP B 243 2.97 4.15 -8.49
CA ASP B 243 3.17 3.81 -7.09
C ASP B 243 2.40 4.81 -6.20
N ASP B 244 2.58 4.74 -4.89
CA ASP B 244 1.87 5.59 -3.94
C ASP B 244 2.37 7.03 -3.86
N TYR B 245 3.41 7.34 -4.63
CA TYR B 245 3.86 8.71 -4.78
C TYR B 245 3.23 9.31 -6.06
N GLY B 246 3.49 8.68 -7.19
CA GLY B 246 3.03 9.17 -8.49
C GLY B 246 1.54 9.22 -8.68
N ARG B 247 0.81 8.16 -8.30
CA ARG B 247 -0.61 8.09 -8.58
C ARG B 247 -1.44 9.11 -7.80
N PRO B 248 -1.24 9.21 -6.47
CA PRO B 248 -2.02 10.23 -5.76
C PRO B 248 -1.59 11.66 -6.07
N GLY B 249 -0.32 11.88 -6.40
CA GLY B 249 0.15 13.22 -6.82
C GLY B 249 -0.53 13.67 -8.11
N ILE B 250 -0.54 12.80 -9.11
CA ILE B 250 -1.11 13.15 -10.40
C ILE B 250 -2.63 13.22 -10.35
N GLU B 251 -3.27 12.42 -9.49
CA GLU B 251 -4.71 12.51 -9.35
C GLU B 251 -5.15 13.85 -8.77
N LYS B 252 -4.40 14.36 -7.81
CA LYS B 252 -4.66 15.69 -7.26
C LYS B 252 -4.38 16.77 -8.29
N PHE B 253 -3.30 16.58 -9.04
CA PHE B 253 -3.02 17.51 -10.14
C PHE B 253 -4.16 17.58 -11.14
N ARG B 254 -4.70 16.42 -11.49
CA ARG B 254 -5.79 16.34 -12.45
C ARG B 254 -6.98 17.15 -11.97
N GLU B 255 -7.32 16.98 -10.70
CA GLU B 255 -8.45 17.69 -10.12
C GLU B 255 -8.23 19.21 -10.17
N GLU B 256 -7.05 19.66 -9.77
CA GLU B 256 -6.76 21.08 -9.73
C GLU B 256 -6.66 21.63 -11.16
N ALA B 257 -6.15 20.83 -12.08
CA ALA B 257 -6.08 21.27 -13.46
C ALA B 257 -7.47 21.47 -14.05
N GLU B 258 -8.37 20.53 -13.79
CA GLU B 258 -9.73 20.65 -14.26
C GLU B 258 -10.39 21.91 -13.71
N GLU B 259 -10.19 22.17 -12.43
CA GLU B 259 -10.71 23.38 -11.79
C GLU B 259 -10.28 24.67 -12.51
N ARG B 260 -9.10 24.65 -13.13
CA ARG B 260 -8.55 25.83 -13.78
C ARG B 260 -8.76 25.79 -15.30
N ASP B 261 -9.61 24.90 -15.78
CA ASP B 261 -9.81 24.68 -17.23
C ASP B 261 -8.53 24.40 -17.99
N ILE B 262 -7.62 23.65 -17.36
CA ILE B 262 -6.45 23.12 -18.05
C ILE B 262 -6.82 21.76 -18.57
N ILE B 264 -6.08 18.17 -20.35
CA ILE B 264 -5.01 17.20 -20.27
C ILE B 264 -5.20 16.21 -21.42
N ASP B 265 -4.22 16.17 -22.29
CA ASP B 265 -4.36 15.45 -23.54
C ASP B 265 -4.01 13.98 -23.38
N PHE B 266 -3.14 13.66 -22.43
CA PHE B 266 -2.87 12.26 -22.14
C PHE B 266 -2.43 12.06 -20.71
N SER B 267 -2.55 10.84 -20.22
CA SER B 267 -2.10 10.49 -18.88
C SER B 267 -1.59 9.05 -18.86
N GLU B 268 -0.30 8.89 -18.61
CA GLU B 268 0.36 7.60 -18.69
C GLU B 268 1.07 7.29 -17.39
N LEU B 269 1.28 6.01 -17.13
CA LEU B 269 2.00 5.53 -15.95
C LEU B 269 3.28 4.91 -16.41
N ILE B 270 4.30 5.04 -15.58
CA ILE B 270 5.60 4.41 -15.83
C ILE B 270 6.18 3.86 -14.55
N SER B 271 7.17 3.01 -14.69
CA SER B 271 7.98 2.63 -13.55
C SER B 271 9.37 2.18 -13.93
N GLN B 272 10.19 2.03 -12.90
CA GLN B 272 11.51 1.46 -13.01
C GLN B 272 11.50 0.15 -13.79
N TYR B 273 10.44 -0.63 -13.62
CA TYR B 273 10.39 -1.97 -14.21
C TYR B 273 9.48 -2.09 -15.43
N SER B 274 9.04 -0.96 -16.01
CA SER B 274 8.31 -1.03 -17.28
C SER B 274 9.16 -1.77 -18.34
N ASP B 275 8.55 -2.69 -19.06
CA ASP B 275 9.26 -3.37 -20.16
C ASP B 275 9.29 -2.52 -21.45
N GLU B 276 9.99 -3.02 -22.46
CA GLU B 276 10.17 -2.29 -23.74
C GLU B 276 8.87 -1.88 -24.41
N GLU B 277 7.89 -2.76 -24.40
CA GLU B 277 6.59 -2.46 -25.01
C GLU B 277 5.86 -1.33 -24.26
N GLU B 278 5.92 -1.36 -22.94
CA GLU B 278 5.23 -0.36 -22.10
C GLU B 278 5.85 1.00 -22.33
N ILE B 279 7.17 1.04 -22.31
CA ILE B 279 7.91 2.27 -22.56
C ILE B 279 7.62 2.80 -23.97
N GLN B 280 7.59 1.89 -24.94
CA GLN B 280 7.39 2.27 -26.34
C GLN B 280 6.03 2.89 -26.51
N HIS B 281 5.05 2.29 -25.86
CA HIS B 281 3.70 2.81 -25.90
C HIS B 281 3.64 4.26 -25.37
N VAL B 282 4.32 4.54 -24.26
CA VAL B 282 4.26 5.88 -23.67
C VAL B 282 4.93 6.87 -24.60
N VAL B 283 6.08 6.49 -25.15
CA VAL B 283 6.82 7.36 -26.06
C VAL B 283 5.96 7.69 -27.29
N GLU B 284 5.24 6.70 -27.79
CA GLU B 284 4.33 6.91 -28.91
C GLU B 284 3.20 7.88 -28.57
N VAL B 285 2.61 7.73 -27.37
CA VAL B 285 1.60 8.69 -26.93
C VAL B 285 2.19 10.12 -26.92
N ILE B 286 3.42 10.26 -26.42
CA ILE B 286 4.07 11.54 -26.40
C ILE B 286 4.29 12.05 -27.84
N GLN B 287 4.83 11.19 -28.70
CA GLN B 287 5.07 11.55 -30.11
C GLN B 287 3.80 11.96 -30.86
N ASN B 288 2.67 11.28 -30.60
CA ASN B 288 1.41 11.56 -31.28
C ASN B 288 0.57 12.69 -30.69
N SER B 289 1.04 13.30 -29.62
CA SER B 289 0.32 14.38 -28.98
C SER B 289 0.89 15.73 -29.40
N THR B 290 0.02 16.72 -29.56
CA THR B 290 0.48 18.10 -29.75
C THR B 290 0.93 18.80 -28.45
N ALA B 291 0.70 18.16 -27.29
CA ALA B 291 1.11 18.75 -26.01
C ALA B 291 2.61 19.00 -25.98
N LYS B 292 2.97 20.17 -25.47
CA LYS B 292 4.35 20.57 -25.33
C LYS B 292 4.75 20.49 -23.85
N VAL B 293 3.84 20.86 -22.98
CA VAL B 293 4.06 20.83 -21.54
C VAL B 293 3.70 19.44 -21.03
N ILE B 294 4.65 18.77 -20.41
CA ILE B 294 4.39 17.48 -19.77
C ILE B 294 4.71 17.52 -18.27
N VAL B 295 3.68 17.24 -17.47
CA VAL B 295 3.78 17.19 -16.02
C VAL B 295 4.10 15.76 -15.59
N VAL B 296 5.19 15.61 -14.84
CA VAL B 296 5.70 14.28 -14.50
C VAL B 296 5.86 14.15 -12.98
N PHE B 297 5.06 13.28 -12.38
CA PHE B 297 5.11 13.01 -10.94
C PHE B 297 5.77 11.66 -10.72
N SER B 298 7.07 11.66 -10.40
CA SER B 298 7.86 10.42 -10.36
C SER B 298 9.17 10.62 -9.66
N SER B 299 9.70 9.54 -9.10
CA SER B 299 11.08 9.49 -8.69
C SER B 299 11.97 9.36 -9.93
N GLY B 300 13.26 9.61 -9.72
CA GLY B 300 14.27 9.44 -10.76
C GLY B 300 14.35 8.02 -11.28
N PRO B 301 14.44 7.05 -10.37
CA PRO B 301 14.54 5.66 -10.84
C PRO B 301 13.36 5.21 -11.67
N ASP B 302 12.16 5.65 -11.31
CA ASP B 302 10.97 5.28 -12.08
C ASP B 302 10.84 6.02 -13.42
N LEU B 303 11.48 7.17 -13.55
CA LEU B 303 11.42 7.95 -14.77
C LEU B 303 12.52 7.56 -15.78
N GLU B 304 13.64 7.07 -15.26
CA GLU B 304 14.86 6.88 -16.04
C GLU B 304 14.70 6.07 -17.33
N PRO B 305 14.02 4.92 -17.27
CA PRO B 305 13.86 4.16 -18.52
C PRO B 305 13.05 4.91 -19.60
N LEU B 306 12.06 5.69 -19.20
CA LEU B 306 11.31 6.46 -20.17
C LEU B 306 12.20 7.51 -20.80
N ILE B 307 12.95 8.22 -19.98
CA ILE B 307 13.78 9.30 -20.46
C ILE B 307 14.86 8.79 -21.40
N LYS B 308 15.46 7.63 -21.09
CA LYS B 308 16.46 7.04 -21.97
C LYS B 308 15.90 6.83 -23.38
N GLU B 309 14.69 6.31 -23.46
CA GLU B 309 14.08 6.07 -24.77
C GLU B 309 13.73 7.39 -25.48
N ILE B 310 13.27 8.38 -24.73
CA ILE B 310 12.95 9.67 -25.31
C ILE B 310 14.20 10.32 -25.91
N VAL B 311 15.31 10.20 -25.19
CA VAL B 311 16.58 10.67 -25.65
C VAL B 311 17.02 9.87 -26.89
N ARG B 312 16.89 8.56 -26.84
CA ARG B 312 17.21 7.71 -27.98
C ARG B 312 16.50 8.19 -29.25
N ARG B 313 15.23 8.57 -29.15
CA ARG B 313 14.45 9.03 -30.29
C ARG B 313 14.54 10.52 -30.53
N ASN B 314 15.34 11.23 -29.75
CA ASN B 314 15.58 12.65 -29.98
C ASN B 314 14.31 13.52 -29.93
N ILE B 315 13.43 13.26 -28.96
CA ILE B 315 12.21 14.06 -28.83
C ILE B 315 12.53 15.34 -28.08
N THR B 316 12.49 16.43 -28.84
CA THR B 316 13.09 17.67 -28.46
C THR B 316 11.97 18.68 -28.25
N GLY B 317 12.25 19.77 -27.53
CA GLY B 317 11.29 20.87 -27.42
C GLY B 317 10.12 20.70 -26.44
N LYS B 318 10.12 19.66 -25.62
CA LYS B 318 9.10 19.54 -24.57
C LYS B 318 9.42 20.42 -23.37
N ILE B 319 8.39 20.99 -22.77
CA ILE B 319 8.53 21.69 -21.49
C ILE B 319 8.15 20.71 -20.37
N TRP B 320 9.15 20.24 -19.64
CA TRP B 320 8.94 19.30 -18.55
C TRP B 320 8.69 20.03 -17.23
N LEU B 321 7.59 19.68 -16.56
CA LEU B 321 7.33 20.17 -15.21
C LEU B 321 7.55 19.02 -14.23
N ALA B 322 8.54 19.19 -13.34
CA ALA B 322 9.07 18.07 -12.56
C ALA B 322 8.59 18.10 -11.12
N SER B 323 8.07 16.98 -10.63
CA SER B 323 7.87 16.85 -9.22
C SER B 323 9.23 16.79 -8.50
N GLU B 324 9.17 16.98 -7.20
CA GLU B 324 10.32 17.26 -6.40
C GLU B 324 11.28 16.07 -6.32
N ALA B 325 10.75 14.87 -6.48
CA ALA B 325 11.59 13.68 -6.39
C ALA B 325 12.54 13.50 -7.57
N TRP B 326 12.18 13.99 -8.75
CA TRP B 326 13.13 13.93 -9.88
C TRP B 326 13.69 15.26 -10.32
N ALA B 327 13.16 16.36 -9.79
CA ALA B 327 13.60 17.70 -10.19
C ALA B 327 15.06 17.95 -9.85
N SER B 328 15.62 17.16 -8.91
CA SER B 328 17.06 17.25 -8.57
C SER B 328 17.76 15.91 -8.73
N SER B 329 17.20 14.99 -9.51
CA SER B 329 17.74 13.65 -9.57
C SER B 329 18.91 13.57 -10.54
N SER B 330 20.05 13.06 -10.06
CA SER B 330 21.25 12.87 -10.86
C SER B 330 21.09 11.81 -11.96
N LEU B 331 20.09 10.95 -11.81
CA LEU B 331 19.79 9.96 -12.85
C LEU B 331 19.18 10.58 -14.09
N ILE B 332 18.56 11.73 -13.94
CA ILE B 332 17.86 12.38 -15.04
C ILE B 332 18.60 13.62 -15.50
N ALA B 333 19.19 14.36 -14.57
CA ALA B 333 19.92 15.60 -14.92
C ALA B 333 21.33 15.27 -15.40
N MET B 334 21.43 14.69 -16.58
CA MET B 334 22.71 14.28 -17.14
C MET B 334 22.95 15.05 -18.43
N PRO B 335 24.17 15.60 -18.58
CA PRO B 335 24.50 16.41 -19.74
C PRO B 335 24.07 15.78 -21.08
N GLN B 336 24.25 14.49 -21.26
CA GLN B 336 23.89 13.87 -22.53
C GLN B 336 22.39 13.72 -22.78
N TYR B 337 21.55 14.05 -21.80
CA TYR B 337 20.12 14.13 -22.02
C TYR B 337 19.64 15.57 -22.22
N PHE B 338 20.55 16.55 -22.20
CA PHE B 338 20.14 17.95 -22.06
C PHE B 338 19.33 18.45 -23.23
N HIS B 339 19.55 17.87 -24.40
CA HIS B 339 18.82 18.23 -25.58
C HIS B 339 17.34 17.86 -25.50
N VAL B 340 17.00 16.91 -24.61
CA VAL B 340 15.60 16.56 -24.33
C VAL B 340 15.08 17.22 -23.04
N VAL B 341 15.96 17.31 -22.06
CA VAL B 341 15.57 17.54 -20.69
C VAL B 341 15.94 18.97 -20.24
N GLY B 342 16.73 19.66 -21.05
CA GLY B 342 17.10 21.03 -20.76
C GLY B 342 15.89 21.93 -20.60
N GLY B 343 15.98 22.84 -19.65
CA GLY B 343 14.91 23.77 -19.36
C GLY B 343 13.77 23.25 -18.51
N THR B 344 13.88 22.03 -17.98
CA THR B 344 12.80 21.55 -17.10
C THR B 344 12.61 22.53 -15.94
N ILE B 345 11.38 22.71 -15.54
CA ILE B 345 11.04 23.51 -14.38
C ILE B 345 10.53 22.53 -13.32
N GLY B 346 10.98 22.67 -12.08
CA GLY B 346 10.60 21.74 -11.03
C GLY B 346 10.52 22.32 -9.64
N PHE B 347 10.11 21.49 -8.70
CA PHE B 347 9.97 21.89 -7.32
C PHE B 347 11.12 21.33 -6.54
N ALA B 348 11.51 22.06 -5.52
CA ALA B 348 12.55 21.63 -4.65
C ALA B 348 12.06 22.14 -3.33
N LEU B 349 12.46 21.48 -2.28
CA LEU B 349 12.11 21.95 -0.95
C LEU B 349 13.01 23.08 -0.57
N LYS B 350 12.64 23.81 0.47
CA LYS B 350 13.46 24.91 0.94
C LYS B 350 14.79 24.36 1.46
N ALA B 351 15.88 25.00 1.09
CA ALA B 351 17.18 24.62 1.59
C ALA B 351 17.30 25.00 3.05
N GLY B 352 18.10 24.24 3.78
CA GLY B 352 18.40 24.52 5.17
C GLY B 352 19.90 24.49 5.32
N GLN B 353 20.40 24.99 6.44
CA GLN B 353 21.82 24.96 6.67
C GLN B 353 22.19 24.05 7.82
N ILE B 354 23.32 23.38 7.67
CA ILE B 354 23.86 22.54 8.72
C ILE B 354 25.35 22.88 8.82
N PRO B 355 25.70 23.83 9.71
CA PRO B 355 27.10 24.18 9.90
C PRO B 355 27.95 22.99 10.31
N GLY B 356 29.06 22.77 9.60
CA GLY B 356 30.00 21.71 9.94
C GLY B 356 29.71 20.41 9.20
N PHE B 357 28.62 20.35 8.44
CA PHE B 357 28.20 19.05 7.87
C PHE B 357 29.15 18.71 6.72
N ARG B 358 29.37 19.65 5.83
CA ARG B 358 30.32 19.45 4.73
C ARG B 358 31.70 18.92 5.19
N GLU B 359 32.23 19.49 6.26
CA GLU B 359 33.52 19.07 6.82
C GLU B 359 33.43 17.65 7.40
N PHE B 360 32.32 17.36 8.07
CA PHE B 360 32.07 16.00 8.55
C PHE B 360 32.07 14.99 7.39
N LEU B 361 31.38 15.37 6.32
CA LEU B 361 31.29 14.55 5.12
C LEU B 361 32.67 14.20 4.55
N LYS B 362 33.58 15.17 4.53
CA LYS B 362 34.94 14.95 4.01
C LYS B 362 35.82 14.09 4.90
N LYS B 363 35.43 13.88 6.16
CA LYS B 363 36.17 12.99 7.04
C LYS B 363 35.89 11.49 6.88
N VAL B 364 35.00 11.09 5.96
CA VAL B 364 34.69 9.65 5.83
C VAL B 364 35.92 8.86 5.51
N HIS B 365 36.01 7.67 6.08
CA HIS B 365 37.13 6.81 5.79
C HIS B 365 36.82 5.36 6.09
N PRO B 366 37.21 4.44 5.18
CA PRO B 366 36.90 3.03 5.38
C PRO B 366 37.59 2.42 6.59
N ARG B 367 38.76 2.93 6.94
CA ARG B 367 39.47 2.50 8.13
C ARG B 367 38.88 3.17 9.37
N LYS B 368 38.90 4.50 9.39
CA LYS B 368 38.55 5.27 10.60
C LYS B 368 37.06 5.19 11.00
N SER B 369 36.16 5.11 10.02
CA SER B 369 34.71 5.05 10.30
C SER B 369 34.28 3.64 10.77
N VAL B 370 34.66 3.32 11.99
CA VAL B 370 34.43 1.99 12.57
C VAL B 370 32.94 1.66 12.68
N HIS B 371 32.11 2.67 12.93
CA HIS B 371 30.68 2.45 13.19
C HIS B 371 29.83 2.37 11.91
N ASN B 372 30.30 2.97 10.83
CA ASN B 372 29.57 3.01 9.57
C ASN B 372 30.08 1.98 8.56
N GLY B 373 29.50 0.79 8.58
CA GLY B 373 29.80 -0.25 7.63
C GLY B 373 29.40 -0.02 6.17
N PHE B 374 28.86 1.15 5.83
CA PHE B 374 28.61 1.52 4.45
C PHE B 374 29.78 2.31 3.88
N ALA B 375 30.69 2.74 4.75
CA ALA B 375 31.81 3.55 4.31
C ALA B 375 32.75 2.77 3.35
N LYS B 376 32.90 1.48 3.60
CA LYS B 376 33.68 0.60 2.76
C LYS B 376 33.18 0.69 1.32
N GLU B 377 31.94 0.27 1.08
CA GLU B 377 31.40 0.28 -0.29
C GLU B 377 31.39 1.68 -0.88
N PHE B 378 31.10 2.68 -0.05
CA PHE B 378 31.17 4.06 -0.50
C PHE B 378 32.52 4.37 -1.14
N TRP B 379 33.57 3.91 -0.48
CA TRP B 379 34.94 4.19 -0.91
C TRP B 379 35.21 3.51 -2.23
N GLU B 380 34.91 2.22 -2.26
CA GLU B 380 35.07 1.39 -3.46
C GLU B 380 34.32 1.94 -4.64
N GLU B 381 33.10 2.43 -4.43
CA GLU B 381 32.32 2.99 -5.51
C GLU B 381 32.87 4.32 -5.95
N THR B 382 33.30 5.15 -5.00
CA THR B 382 33.80 6.49 -5.35
C THR B 382 35.09 6.39 -6.20
N PHE B 383 36.00 5.53 -5.78
CA PHE B 383 37.34 5.46 -6.37
C PHE B 383 37.54 4.28 -7.31
N ASN B 384 36.48 3.51 -7.54
CA ASN B 384 36.49 2.41 -8.50
C ASN B 384 37.59 1.41 -8.17
N CYS B 385 37.62 0.95 -6.93
CA CYS B 385 38.69 0.12 -6.43
C CYS B 385 38.15 -0.90 -5.44
N HIS B 386 39.01 -1.82 -4.99
CA HIS B 386 38.63 -2.88 -4.07
C HIS B 386 39.38 -2.70 -2.77
N LEU B 387 38.76 -3.08 -1.66
CA LEU B 387 39.36 -2.91 -0.34
C LEU B 387 39.97 -4.20 0.21
N GLN B 388 41.20 -4.10 0.69
CA GLN B 388 41.88 -5.20 1.40
C GLN B 388 41.24 -5.46 2.76
N PHE B 418 40.58 -6.87 -13.85
CA PHE B 418 41.15 -6.59 -12.53
C PHE B 418 40.61 -5.29 -11.91
N ARG B 419 40.17 -5.38 -10.66
CA ARG B 419 39.74 -4.21 -9.92
C ARG B 419 40.92 -3.77 -9.06
N PRO B 420 41.47 -2.60 -9.36
CA PRO B 420 42.64 -2.16 -8.60
C PRO B 420 42.36 -2.06 -7.09
N LEU B 421 43.33 -2.40 -6.23
CA LEU B 421 43.17 -2.23 -4.78
C LEU B 421 43.18 -0.75 -4.40
N CYS B 422 42.41 -0.38 -3.37
CA CYS B 422 42.37 1.00 -2.87
C CYS B 422 43.58 1.22 -1.98
N THR B 423 44.20 2.40 -2.10
CA THR B 423 45.35 2.74 -1.28
C THR B 423 44.91 2.99 0.16
N GLY B 424 43.72 3.55 0.33
CA GLY B 424 43.26 4.02 1.63
C GLY B 424 43.68 5.47 1.88
N ASP B 425 44.32 6.10 0.90
CA ASP B 425 44.84 7.45 1.05
C ASP B 425 44.26 8.38 0.00
N GLU B 426 43.32 7.90 -0.79
CA GLU B 426 42.82 8.70 -1.90
C GLU B 426 41.92 9.84 -1.38
N ASN B 427 41.55 10.75 -2.27
CA ASN B 427 41.00 12.01 -1.86
C ASN B 427 39.56 12.23 -2.33
N ILE B 428 38.64 12.33 -1.36
CA ILE B 428 37.21 12.53 -1.64
C ILE B 428 36.97 13.69 -2.61
N SER B 429 37.81 14.73 -2.54
CA SER B 429 37.61 15.91 -3.38
C SER B 429 38.03 15.75 -4.86
N SER B 430 38.68 14.65 -5.22
CA SER B 430 39.15 14.46 -6.58
C SER B 430 38.10 13.89 -7.54
N VAL B 431 37.03 13.31 -6.99
CA VAL B 431 36.00 12.64 -7.80
C VAL B 431 34.65 13.30 -7.55
N GLU B 432 34.01 13.77 -8.62
CA GLU B 432 32.69 14.39 -8.53
C GLU B 432 31.59 13.32 -8.48
N THR B 433 30.93 13.24 -7.33
CA THR B 433 29.69 12.48 -7.18
C THR B 433 28.71 13.38 -6.43
N PRO B 434 27.44 12.98 -6.34
CA PRO B 434 26.51 13.77 -5.51
C PRO B 434 26.84 13.79 -4.00
N TYR B 435 27.78 12.96 -3.56
CA TYR B 435 28.11 12.93 -2.15
C TYR B 435 28.44 14.32 -1.65
N ILE B 436 29.35 14.97 -2.37
CA ILE B 436 29.84 16.27 -1.99
C ILE B 436 29.58 17.34 -3.03
N ASP B 437 29.31 16.96 -4.27
CA ASP B 437 28.97 17.94 -5.29
C ASP B 437 27.50 18.35 -5.15
N TYR B 438 27.22 19.23 -4.19
CA TYR B 438 25.87 19.81 -4.03
C TYR B 438 26.04 21.27 -3.66
N THR B 439 25.03 22.08 -3.97
CA THR B 439 25.04 23.43 -3.47
C THR B 439 24.08 23.61 -2.26
N HIS B 440 22.85 23.11 -2.33
CA HIS B 440 21.89 23.25 -1.21
C HIS B 440 21.56 21.91 -0.56
N LEU B 441 21.44 21.91 0.76
CA LEU B 441 20.93 20.78 1.52
C LEU B 441 19.42 20.94 1.66
N ARG B 442 18.67 19.96 1.13
CA ARG B 442 17.23 19.99 1.20
C ARG B 442 16.71 18.76 1.94
N ILE B 443 16.71 17.58 1.28
CA ILE B 443 16.35 16.35 1.97
C ILE B 443 17.30 16.10 3.13
N SER B 444 18.57 16.41 2.93
CA SER B 444 19.55 16.25 4.02
C SER B 444 19.15 17.05 5.25
N TYR B 445 18.60 18.23 5.03
CA TYR B 445 18.12 19.04 6.13
C TYR B 445 16.93 18.39 6.83
N ASN B 446 15.99 17.82 6.06
CA ASN B 446 14.87 17.07 6.61
C ASN B 446 15.31 15.90 7.47
N VAL B 447 16.41 15.26 7.07
CA VAL B 447 16.93 14.16 7.90
C VAL B 447 17.40 14.69 9.26
N TYR B 448 18.20 15.75 9.21
CA TYR B 448 18.74 16.47 10.34
C TYR B 448 17.61 16.89 11.31
N LEU B 449 16.57 17.50 10.75
CA LEU B 449 15.38 17.86 11.55
C LEU B 449 14.63 16.67 12.10
N ALA B 450 14.61 15.56 11.38
CA ALA B 450 13.92 14.39 11.88
C ALA B 450 14.61 13.90 13.13
N VAL B 451 15.93 13.89 13.11
CA VAL B 451 16.67 13.39 14.28
C VAL B 451 16.48 14.36 15.47
N TYR B 452 16.58 15.64 15.20
CA TYR B 452 16.43 16.66 16.21
C TYR B 452 15.00 16.70 16.79
N SER B 453 13.99 16.40 15.97
CA SER B 453 12.64 16.27 16.45
C SER B 453 12.60 15.16 17.49
N ILE B 454 13.20 14.03 17.18
CA ILE B 454 13.19 12.92 18.14
C ILE B 454 13.95 13.33 19.42
N ALA B 455 15.10 13.97 19.25
CA ALA B 455 15.94 14.35 20.36
C ALA B 455 15.24 15.37 21.30
N HIS B 456 14.60 16.37 20.70
CA HIS B 456 13.82 17.34 21.46
C HIS B 456 12.64 16.75 22.16
N ALA B 457 12.00 15.73 21.58
CA ALA B 457 10.90 15.06 22.24
C ALA B 457 11.42 14.35 23.47
N LEU B 458 12.59 13.73 23.32
CA LEU B 458 13.27 13.10 24.44
C LEU B 458 13.71 14.11 25.50
N GLN B 459 14.17 15.27 25.06
CA GLN B 459 14.56 16.32 25.98
C GLN B 459 13.35 16.78 26.81
N ASP B 460 12.17 16.86 26.17
CA ASP B 460 10.93 17.22 26.87
C ASP B 460 10.59 16.18 27.93
N ILE B 461 10.96 14.92 27.69
CA ILE B 461 10.79 13.89 28.71
C ILE B 461 11.80 14.09 29.84
N TYR B 462 13.06 14.36 29.48
CA TYR B 462 14.10 14.59 30.47
C TYR B 462 13.76 15.72 31.46
N THR B 463 13.25 16.84 30.93
CA THR B 463 12.97 18.02 31.70
C THR B 463 11.56 18.07 32.28
N CYS B 464 10.78 17.02 32.10
CA CYS B 464 9.40 17.01 32.55
C CYS B 464 9.33 17.11 34.08
N LEU B 465 8.48 18.00 34.58
CA LEU B 465 8.25 18.15 36.03
C LEU B 465 6.88 17.60 36.42
N PRO B 466 6.83 16.72 37.43
CA PRO B 466 5.60 16.08 37.90
C PRO B 466 4.43 17.06 37.99
N GLY B 467 3.27 16.63 37.51
CA GLY B 467 2.10 17.49 37.39
C GLY B 467 2.06 18.27 36.09
N ARG B 468 3.22 18.57 35.51
CA ARG B 468 3.30 19.30 34.26
C ARG B 468 3.54 18.38 33.04
N GLY B 469 3.45 17.06 33.24
CA GLY B 469 3.63 16.08 32.17
C GLY B 469 2.40 15.83 31.29
N LEU B 470 2.58 15.02 30.24
CA LEU B 470 1.53 14.80 29.21
C LEU B 470 0.71 13.56 29.47
N PHE B 471 1.17 12.72 30.38
CA PHE B 471 0.53 11.42 30.59
C PHE B 471 -0.51 11.54 31.73
N THR B 472 -1.03 10.42 32.20
CA THR B 472 -2.10 10.44 33.20
C THR B 472 -1.78 11.29 34.44
N ASN B 473 -2.73 12.13 34.84
CA ASN B 473 -2.57 12.95 36.06
C ASN B 473 -1.35 13.86 36.03
N GLY B 474 -1.05 14.38 34.83
CA GLY B 474 0.14 15.19 34.63
C GLY B 474 1.42 14.45 34.95
N SER B 475 1.40 13.11 34.91
CA SER B 475 2.60 12.34 35.17
C SER B 475 3.61 12.46 34.03
N CYS B 476 4.84 12.10 34.34
CA CYS B 476 5.95 12.18 33.41
C CYS B 476 6.38 10.78 33.05
N ALA B 477 7.01 10.63 31.90
CA ALA B 477 7.64 9.38 31.54
C ALA B 477 9.02 9.36 32.16
N ASP B 478 9.55 8.18 32.43
CA ASP B 478 10.88 8.03 32.98
C ASP B 478 11.88 7.84 31.86
N ILE B 479 12.80 8.78 31.69
CA ILE B 479 13.76 8.75 30.59
C ILE B 479 14.77 7.60 30.69
N LYS B 480 14.93 7.01 31.88
CA LYS B 480 15.75 5.81 32.05
C LYS B 480 15.06 4.57 31.52
N LYS B 481 13.73 4.59 31.47
CA LYS B 481 12.92 3.47 30.97
C LYS B 481 11.88 3.97 29.94
N VAL B 482 12.32 4.77 28.98
CA VAL B 482 11.39 5.35 27.98
C VAL B 482 10.77 4.27 27.09
N GLU B 483 9.49 4.37 26.83
CA GLU B 483 8.82 3.52 25.85
C GLU B 483 8.47 4.32 24.59
N ALA B 484 8.52 3.65 23.46
CA ALA B 484 8.36 4.27 22.14
C ALA B 484 7.08 5.10 22.06
N TRP B 485 5.98 4.53 22.54
CA TRP B 485 4.71 5.23 22.53
C TRP B 485 4.73 6.58 23.27
N GLN B 486 5.66 6.73 24.23
CA GLN B 486 5.77 7.97 25.00
C GLN B 486 6.49 8.98 24.18
N VAL B 487 7.46 8.49 23.41
CA VAL B 487 8.17 9.37 22.49
C VAL B 487 7.18 9.87 21.43
N LEU B 488 6.31 8.99 20.94
CA LEU B 488 5.29 9.36 19.94
C LEU B 488 4.43 10.49 20.53
N LYS B 489 4.01 10.31 21.79
CA LYS B 489 3.19 11.30 22.47
C LYS B 489 3.89 12.64 22.48
N HIS B 490 5.15 12.64 22.88
CA HIS B 490 5.89 13.85 22.92
C HIS B 490 6.16 14.46 21.54
N LEU B 491 6.33 13.62 20.52
CA LEU B 491 6.52 14.11 19.15
C LEU B 491 5.27 14.81 18.67
N ARG B 492 4.11 14.26 19.03
CA ARG B 492 2.87 14.91 18.68
C ARG B 492 2.68 16.32 19.26
N HIS B 493 3.21 16.55 20.45
CA HIS B 493 3.03 17.87 21.09
C HIS B 493 4.28 18.73 20.98
N LEU B 494 5.21 18.30 20.13
CA LEU B 494 6.52 18.91 20.07
C LEU B 494 6.41 20.30 19.46
N ASN B 495 7.20 21.22 20.01
CA ASN B 495 7.31 22.56 19.43
C ASN B 495 8.68 23.08 19.77
N PHE B 496 9.61 23.10 18.80
CA PHE B 496 10.93 23.64 19.07
C PHE B 496 11.35 24.58 17.96
N THR B 497 12.39 25.36 18.24
CA THR B 497 12.92 26.30 17.29
C THR B 497 14.15 25.66 16.69
N ASN B 498 14.22 25.61 15.37
CA ASN B 498 15.37 24.99 14.70
C ASN B 498 16.45 26.03 14.46
N ASN B 499 17.63 25.54 14.10
CA ASN B 499 18.80 26.37 13.83
C ASN B 499 18.56 27.45 12.78
N MET B 500 17.55 27.31 11.95
CA MET B 500 17.19 28.36 11.00
C MET B 500 16.22 29.39 11.57
N GLY B 501 15.96 29.31 12.88
CA GLY B 501 15.02 30.21 13.57
C GLY B 501 13.54 29.89 13.41
N GLU B 502 13.23 28.76 12.79
CA GLU B 502 11.85 28.41 12.49
C GLU B 502 11.32 27.46 13.57
N GLN B 503 10.05 27.62 13.91
CA GLN B 503 9.37 26.72 14.84
C GLN B 503 9.02 25.42 14.12
N VAL B 504 9.34 24.30 14.74
CA VAL B 504 8.96 23.03 14.18
C VAL B 504 7.89 22.41 15.07
N THR B 505 6.71 22.18 14.47
CA THR B 505 5.61 21.45 15.07
C THR B 505 4.95 20.60 14.01
N PHE B 506 4.26 19.55 14.41
CA PHE B 506 3.56 18.67 13.49
C PHE B 506 2.08 18.86 13.65
N ASP B 507 1.33 18.89 12.55
CA ASP B 507 -0.12 19.07 12.65
C ASP B 507 -0.78 17.77 13.09
N GLU B 508 -2.11 17.79 13.17
CA GLU B 508 -2.90 16.62 13.58
C GLU B 508 -2.69 15.36 12.70
N GLY B 510 0.30 14.55 11.48
CA GLY B 510 1.72 14.25 11.53
C GLY B 510 2.53 14.94 10.44
N ASP B 511 1.97 15.96 9.80
CA ASP B 511 2.61 16.67 8.70
C ASP B 511 3.31 17.94 9.17
N LEU B 512 4.35 18.29 8.46
CA LEU B 512 5.06 19.49 8.75
C LEU B 512 4.98 20.33 7.50
N VAL B 513 4.36 21.48 7.66
CA VAL B 513 4.03 22.36 6.55
C VAL B 513 5.30 23.02 6.05
N GLY B 514 5.34 23.34 4.78
CA GLY B 514 6.53 23.94 4.18
C GLY B 514 6.17 24.56 2.84
N ASN B 515 7.01 25.50 2.40
CA ASN B 515 6.88 26.11 1.08
C ASN B 515 7.80 25.37 0.10
N TYR B 516 7.76 25.74 -1.18
CA TYR B 516 8.67 25.16 -2.18
C TYR B 516 9.46 26.22 -2.91
N SER B 517 10.69 25.87 -3.29
CA SER B 517 11.47 26.62 -4.23
C SER B 517 11.14 26.10 -5.62
N ILE B 518 11.29 26.95 -6.63
CA ILE B 518 11.11 26.54 -8.01
C ILE B 518 12.44 26.65 -8.71
N ILE B 519 12.85 25.56 -9.35
CA ILE B 519 14.16 25.50 -10.01
C ILE B 519 14.04 25.21 -11.50
N ASN B 520 15.12 25.44 -12.23
CA ASN B 520 15.10 25.35 -13.69
C ASN B 520 16.43 24.82 -14.17
N TRP B 521 16.41 23.87 -15.10
CA TRP B 521 17.64 23.16 -15.45
C TRP B 521 18.44 23.92 -16.52
N HIS B 522 19.57 24.49 -16.11
CA HIS B 522 20.52 25.18 -17.00
C HIS B 522 21.75 24.32 -17.22
N LEU B 523 22.53 24.68 -18.23
CA LEU B 523 23.82 24.04 -18.52
C LEU B 523 24.90 24.99 -18.05
N SER B 524 25.89 24.48 -17.32
CA SER B 524 26.99 25.33 -16.84
C SER B 524 27.91 25.71 -18.01
N PRO B 525 28.19 27.01 -18.18
CA PRO B 525 29.13 27.40 -19.23
C PRO B 525 30.57 27.02 -18.85
N GLU B 526 30.90 27.07 -17.56
CA GLU B 526 32.19 26.62 -17.06
C GLU B 526 32.29 25.10 -17.17
N ASP B 527 31.31 24.41 -16.62
CA ASP B 527 31.41 23.00 -16.24
C ASP B 527 30.88 22.01 -17.28
N GLY B 528 29.91 22.43 -18.11
CA GLY B 528 29.18 21.50 -18.98
C GLY B 528 28.11 20.68 -18.25
N SER B 529 28.01 20.86 -16.92
CA SER B 529 27.08 20.08 -16.11
C SER B 529 25.75 20.83 -15.96
N ILE B 530 24.73 20.11 -15.52
CA ILE B 530 23.42 20.70 -15.32
C ILE B 530 23.38 21.45 -13.99
N VAL B 531 22.90 22.69 -14.02
CA VAL B 531 22.83 23.56 -12.87
C VAL B 531 21.36 23.75 -12.56
N PHE B 532 20.99 23.69 -11.30
CA PHE B 532 19.62 23.86 -10.85
C PHE B 532 19.43 25.30 -10.39
N LYS B 533 19.01 26.14 -11.32
CA LYS B 533 18.88 27.56 -11.04
C LYS B 533 17.54 27.80 -10.33
N GLU B 534 17.55 28.51 -9.20
CA GLU B 534 16.33 28.98 -8.56
C GLU B 534 15.71 30.14 -9.33
N VAL B 535 14.46 29.97 -9.71
CA VAL B 535 13.77 30.98 -10.50
C VAL B 535 12.50 31.46 -9.83
N GLY B 536 12.21 30.95 -8.64
CA GLY B 536 10.95 31.30 -7.97
C GLY B 536 10.69 30.53 -6.69
N TYR B 537 9.50 30.72 -6.13
CA TYR B 537 9.09 29.98 -4.97
C TYR B 537 7.57 29.95 -4.94
N TYR B 538 7.05 29.04 -4.13
CA TYR B 538 5.62 28.86 -3.97
C TYR B 538 5.30 28.89 -2.48
N ASN B 539 4.48 29.86 -2.11
CA ASN B 539 4.06 30.09 -0.72
C ASN B 539 2.71 29.45 -0.54
N VAL B 540 2.75 28.29 0.12
CA VAL B 540 1.61 27.38 0.11
C VAL B 540 0.36 27.97 0.74
N TYR B 541 0.51 28.64 1.87
CA TYR B 541 -0.68 29.11 2.63
C TYR B 541 -1.00 30.61 2.42
N ALA B 542 -0.82 31.11 1.19
CA ALA B 542 -1.30 32.42 0.76
C ALA B 542 -2.60 32.28 -0.05
N LYS B 543 -3.28 33.41 -0.25
CA LYS B 543 -4.55 33.43 -0.99
C LYS B 543 -4.30 33.23 -2.47
N LYS B 544 -5.30 32.69 -3.18
CA LYS B 544 -5.23 32.47 -4.62
C LYS B 544 -4.64 33.68 -5.31
N GLY B 545 -3.76 33.45 -6.29
CA GLY B 545 -3.12 34.54 -7.02
C GLY B 545 -2.04 35.30 -6.28
N GLU B 546 -1.72 34.92 -5.04
CA GLU B 546 -0.61 35.52 -4.28
C GLU B 546 0.37 34.45 -3.76
N ARG B 547 0.38 33.29 -4.39
CA ARG B 547 1.19 32.14 -3.91
C ARG B 547 2.48 31.93 -4.70
N LEU B 548 2.40 32.22 -5.98
CA LEU B 548 3.42 31.85 -6.91
C LEU B 548 4.26 33.09 -7.15
N PHE B 549 5.57 32.97 -6.94
CA PHE B 549 6.51 34.04 -7.25
C PHE B 549 7.54 33.47 -8.19
N ILE B 550 7.55 33.98 -9.42
CA ILE B 550 8.48 33.51 -10.46
C ILE B 550 9.21 34.69 -11.05
N ASN B 551 10.53 34.56 -11.21
CA ASN B 551 11.30 35.49 -12.04
C ASN B 551 11.48 34.95 -13.47
N GLU B 552 10.55 35.29 -14.34
CA GLU B 552 10.51 34.80 -15.74
C GLU B 552 11.82 35.03 -16.48
N GLU B 553 12.45 36.18 -16.23
CA GLU B 553 13.70 36.53 -16.93
C GLU B 553 14.79 35.50 -16.69
N LYS B 554 14.73 34.79 -15.56
CA LYS B 554 15.75 33.80 -15.24
C LYS B 554 15.53 32.44 -15.91
N ILE B 555 14.39 32.23 -16.55
CA ILE B 555 14.05 30.94 -17.11
C ILE B 555 14.68 30.75 -18.48
N LEU B 556 15.37 29.63 -18.67
CA LEU B 556 15.68 29.07 -19.99
C LEU B 556 14.69 27.98 -20.38
N TRP B 557 13.97 28.20 -21.47
CA TRP B 557 12.98 27.23 -21.94
C TRP B 557 13.61 26.02 -22.65
N SER B 558 14.86 26.15 -23.11
CA SER B 558 15.79 25.00 -23.27
C SER B 558 16.91 25.12 -22.22
#